data_7UJY
#
_entry.id   7UJY
#
_cell.length_a   58.343
_cell.length_b   58.343
_cell.length_c   274.652
_cell.angle_alpha   90.000
_cell.angle_beta   90.000
_cell.angle_gamma   120.000
#
_symmetry.space_group_name_H-M   'P 32'
#
loop_
_entity.id
_entity.type
_entity.pdbx_description
1 polymer 'Estrogen receptor'
2 non-polymer (5R,6S)-5-(4-{2-[(2R)-2-methylpyrrolidin-1-yl]ethoxy}phenyl)-6-phenyl-5,6,7,8-tetrahydronaphthalen-2-ol
3 water water
#
_entity_poly.entity_id   1
_entity_poly.type   'polypeptide(L)'
_entity_poly.pdbx_seq_one_letter_code
;HHHHHHENLYFQSMLALSLTADQMVSALLDAEPPILYSEYDPTRPFSEASMMGLLTNLADRELVHMINWAKRVPGFVDLT
LHDQVHLLESAWLEILMIGLVWRSMEHPGKLLFAPNLLLDRNQGKSVEGMVEIFDMLLATSSRFRMMNLQGEEFVCLKSI
ILLNSGVYTFLSSTLKSLEEKDHIHRVLDKITDTLIHLMAKAGLTLQQQHQRLAQLLLILSHIRHMSNKGMEHLYSMKSK
NVVPLSDLLLEMLDAHRLHAPTS
;
_entity_poly.pdbx_strand_id   B,A,C,D
#
loop_
_chem_comp.id
_chem_comp.type
_chem_comp.name
_chem_comp.formula
RL4 non-polymer (5R,6S)-5-(4-{2-[(2R)-2-methylpyrrolidin-1-yl]ethoxy}phenyl)-6-phenyl-5,6,7,8-tetrahydronaphthalen-2-ol 'C29 H33 N O2'
#
# COMPACT_ATOMS: atom_id res chain seq x y z
N ALA A 16 -8.71 -14.71 2.77
CA ALA A 16 -9.00 -14.18 4.11
C ALA A 16 -9.39 -12.70 4.05
N LEU A 17 -8.48 -11.86 3.57
CA LEU A 17 -8.91 -10.54 3.11
C LEU A 17 -9.64 -10.74 1.76
N SER A 18 -9.62 -11.96 1.23
CA SER A 18 -10.28 -12.20 -0.06
C SER A 18 -11.71 -12.71 0.14
N LEU A 19 -12.11 -12.92 1.38
CA LEU A 19 -13.45 -13.46 1.66
C LEU A 19 -14.54 -12.48 1.29
N THR A 20 -15.63 -13.01 0.75
CA THR A 20 -16.84 -12.21 0.54
C THR A 20 -17.53 -12.00 1.88
N ALA A 21 -18.49 -11.08 1.92
CA ALA A 21 -19.30 -10.87 3.13
C ALA A 21 -19.99 -12.16 3.57
N ASP A 22 -20.66 -12.84 2.64
CA ASP A 22 -21.36 -14.08 2.99
C ASP A 22 -20.38 -15.13 3.51
N GLN A 23 -19.17 -15.19 2.95
CA GLN A 23 -18.17 -16.16 3.39
C GLN A 23 -17.61 -15.81 4.76
N MET A 24 -17.49 -14.50 5.02
CA MET A 24 -17.10 -14.04 6.34
C MET A 24 -18.14 -14.48 7.38
N VAL A 25 -19.43 -14.24 7.09
CA VAL A 25 -20.49 -14.60 8.05
C VAL A 25 -20.54 -16.12 8.26
N SER A 26 -20.51 -16.87 7.16
CA SER A 26 -20.47 -18.32 7.26
C SER A 26 -19.28 -18.79 8.10
N ALA A 27 -18.09 -18.24 7.85
CA ALA A 27 -16.94 -18.62 8.66
C ALA A 27 -17.14 -18.35 10.18
N LEU A 28 -17.68 -17.19 10.51
CA LEU A 28 -17.87 -16.84 11.92
C LEU A 28 -18.93 -17.72 12.58
N LEU A 29 -20.01 -18.01 11.88
CA LEU A 29 -21.07 -18.81 12.47
C LEU A 29 -20.54 -20.21 12.71
N ASP A 30 -19.76 -20.71 11.75
CA ASP A 30 -19.18 -22.05 11.87
C ASP A 30 -18.19 -22.13 13.05
N ALA A 31 -17.55 -21.01 13.38
CA ALA A 31 -16.53 -20.95 14.43
C ALA A 31 -17.11 -20.94 15.86
N GLU A 32 -18.42 -20.81 15.96
CA GLU A 32 -19.00 -20.50 17.28
C GLU A 32 -18.70 -21.59 18.32
N PRO A 33 -18.29 -21.17 19.51
CA PRO A 33 -18.03 -22.12 20.60
C PRO A 33 -19.33 -22.69 21.14
N PRO A 34 -19.22 -23.81 21.85
CA PRO A 34 -20.44 -24.41 22.38
C PRO A 34 -20.88 -23.70 23.63
N ILE A 35 -22.12 -23.94 24.02
CA ILE A 35 -22.60 -23.44 25.30
C ILE A 35 -22.26 -24.50 26.36
N LEU A 36 -21.43 -24.13 27.35
CA LEU A 36 -21.02 -25.05 28.42
C LEU A 36 -21.97 -24.98 29.62
N TYR A 37 -21.86 -26.02 30.46
CA TYR A 37 -22.68 -26.11 31.68
C TYR A 37 -21.87 -25.82 32.91
N SER A 38 -22.51 -25.26 33.92
CA SER A 38 -21.88 -25.18 35.22
C SER A 38 -21.67 -26.61 35.78
N GLU A 39 -20.68 -26.85 36.64
N GLU A 39 -20.57 -26.75 36.51
CA GLU A 39 -20.38 -28.25 37.02
CA GLU A 39 -20.27 -28.00 37.17
C GLU A 39 -21.10 -28.90 38.22
C GLU A 39 -20.69 -27.91 38.60
N TYR A 40 -21.98 -28.17 38.86
CA TYR A 40 -22.41 -28.53 40.21
C TYR A 40 -23.34 -29.77 40.19
N ASP A 41 -23.46 -30.39 41.37
CA ASP A 41 -24.40 -31.47 41.59
C ASP A 41 -25.82 -30.89 41.65
N PRO A 42 -26.66 -31.21 40.64
CA PRO A 42 -27.98 -30.57 40.58
C PRO A 42 -28.92 -31.23 41.54
N THR A 43 -28.55 -32.41 42.03
CA THR A 43 -29.33 -33.11 43.06
C THR A 43 -29.04 -32.54 44.44
N ARG A 44 -28.00 -31.71 44.58
CA ARG A 44 -27.60 -31.22 45.91
C ARG A 44 -28.06 -29.79 46.12
N PRO A 45 -28.04 -29.27 47.36
CA PRO A 45 -28.35 -27.83 47.44
C PRO A 45 -27.19 -26.96 46.97
N SER A 50 -19.26 -20.51 46.81
CA SER A 50 -20.21 -21.22 45.95
C SER A 50 -20.27 -20.50 44.60
N MET A 51 -20.97 -19.37 44.57
CA MET A 51 -21.27 -18.71 43.30
C MET A 51 -20.04 -18.30 42.52
N MET A 52 -19.12 -17.59 43.17
CA MET A 52 -17.90 -17.21 42.45
C MET A 52 -17.12 -18.45 41.97
N GLY A 53 -17.07 -19.49 42.78
CA GLY A 53 -16.39 -20.73 42.39
C GLY A 53 -17.03 -21.31 41.13
N LEU A 54 -18.36 -21.36 41.12
CA LEU A 54 -19.08 -21.86 39.94
C LEU A 54 -18.76 -21.03 38.69
N LEU A 55 -18.78 -19.70 38.83
CA LEU A 55 -18.54 -18.81 37.68
C LEU A 55 -17.12 -18.90 37.18
N THR A 56 -16.18 -18.96 38.11
CA THR A 56 -14.75 -19.11 37.78
C THR A 56 -14.47 -20.40 37.00
N ASN A 57 -15.00 -21.53 37.49
CA ASN A 57 -14.82 -22.81 36.83
C ASN A 57 -15.40 -22.81 35.40
N LEU A 58 -16.58 -22.21 35.25
CA LEU A 58 -17.25 -22.09 33.97
C LEU A 58 -16.36 -21.27 33.04
N ALA A 59 -15.91 -20.13 33.55
CA ALA A 59 -15.13 -19.19 32.73
C ALA A 59 -13.82 -19.83 32.26
N ASP A 60 -13.17 -20.51 33.19
CA ASP A 60 -11.91 -21.21 32.83
C ASP A 60 -12.12 -22.27 31.73
N ARG A 61 -13.21 -23.03 31.82
CA ARG A 61 -13.48 -24.01 30.78
C ARG A 61 -13.82 -23.32 29.46
N GLU A 62 -14.52 -22.19 29.55
CA GLU A 62 -14.94 -21.45 28.36
C GLU A 62 -13.74 -20.86 27.64
N LEU A 63 -12.69 -20.55 28.39
CA LEU A 63 -11.47 -19.97 27.80
C LEU A 63 -10.76 -20.93 26.81
N VAL A 64 -10.74 -22.21 27.13
CA VAL A 64 -10.14 -23.15 26.20
C VAL A 64 -10.86 -23.12 24.85
N HIS A 65 -12.19 -23.12 24.89
CA HIS A 65 -12.94 -23.12 23.66
C HIS A 65 -12.78 -21.76 22.97
N MET A 66 -12.60 -20.71 23.75
CA MET A 66 -12.40 -19.38 23.16
C MET A 66 -11.14 -19.33 22.26
N ILE A 67 -10.08 -20.01 22.70
CA ILE A 67 -8.86 -20.06 21.90
C ILE A 67 -9.11 -20.78 20.58
N ASN A 68 -9.88 -21.85 20.63
CA ASN A 68 -10.25 -22.56 19.40
C ASN A 68 -11.02 -21.68 18.48
N TRP A 69 -12.00 -20.96 19.04
CA TRP A 69 -12.80 -20.03 18.27
C TRP A 69 -11.91 -18.96 17.67
N ALA A 70 -11.04 -18.38 18.49
CA ALA A 70 -10.19 -17.30 17.97
C ALA A 70 -9.38 -17.74 16.74
N LYS A 71 -8.91 -18.98 16.74
CA LYS A 71 -8.05 -19.44 15.65
C LYS A 71 -8.86 -19.59 14.36
N ARG A 72 -10.19 -19.65 14.49
CA ARG A 72 -11.10 -19.75 13.36
C ARG A 72 -11.66 -18.40 12.84
N VAL A 73 -11.34 -17.31 13.54
CA VAL A 73 -11.75 -15.97 13.10
C VAL A 73 -10.81 -15.62 11.93
N PRO A 74 -11.37 -15.40 10.73
CA PRO A 74 -10.49 -15.16 9.57
C PRO A 74 -9.44 -14.12 9.84
N GLY A 75 -8.17 -14.42 9.52
CA GLY A 75 -7.13 -13.44 9.76
C GLY A 75 -6.38 -13.57 11.08
N PHE A 76 -6.98 -14.20 12.10
CA PHE A 76 -6.33 -14.21 13.42
C PHE A 76 -5.03 -15.03 13.40
N VAL A 77 -5.05 -16.20 12.78
CA VAL A 77 -3.83 -17.03 12.81
C VAL A 77 -2.78 -16.55 11.82
N ASP A 78 -3.08 -15.51 11.06
CA ASP A 78 -2.05 -14.83 10.25
C ASP A 78 -1.08 -13.99 11.06
N LEU A 79 -1.47 -13.70 12.32
CA LEU A 79 -0.72 -12.83 13.23
C LEU A 79 0.37 -13.68 13.92
N THR A 80 1.43 -13.05 14.41
CA THR A 80 2.37 -13.76 15.28
C THR A 80 1.71 -14.32 16.52
N LEU A 81 2.32 -15.36 17.08
N LEU A 81 2.29 -15.36 17.12
CA LEU A 81 1.88 -15.93 18.33
CA LEU A 81 1.75 -15.90 18.36
C LEU A 81 1.83 -14.88 19.44
C LEU A 81 1.80 -14.87 19.48
N HIS A 82 2.87 -14.07 19.51
CA HIS A 82 2.94 -12.95 20.46
C HIS A 82 1.74 -12.01 20.34
N ASP A 83 1.41 -11.62 19.13
CA ASP A 83 0.25 -10.76 18.94
C ASP A 83 -1.09 -11.46 19.21
N GLN A 84 -1.23 -12.75 18.86
CA GLN A 84 -2.46 -13.47 19.22
C GLN A 84 -2.67 -13.48 20.73
N VAL A 85 -1.60 -13.76 21.47
CA VAL A 85 -1.63 -13.69 22.94
C VAL A 85 -2.03 -12.28 23.39
N HIS A 86 -1.44 -11.25 22.81
CA HIS A 86 -1.74 -9.89 23.25
C HIS A 86 -3.22 -9.59 23.04
N LEU A 87 -3.75 -9.94 21.87
CA LEU A 87 -5.14 -9.65 21.60
C LEU A 87 -6.07 -10.41 22.53
N LEU A 88 -5.80 -11.69 22.79
CA LEU A 88 -6.72 -12.43 23.66
C LEU A 88 -6.56 -11.96 25.10
N GLU A 89 -5.34 -11.60 25.49
CA GLU A 89 -5.14 -11.09 26.85
C GLU A 89 -5.93 -9.79 27.09
N SER A 90 -6.05 -8.97 26.05
CA SER A 90 -6.83 -7.72 26.13
CA SER A 90 -6.81 -7.74 26.14
C SER A 90 -8.33 -8.00 26.14
N ALA A 91 -8.76 -8.97 25.33
CA ALA A 91 -10.18 -9.11 25.01
C ALA A 91 -10.97 -10.23 25.73
N TRP A 92 -10.29 -11.14 26.43
CA TRP A 92 -10.97 -12.38 26.84
C TRP A 92 -12.19 -12.13 27.72
N LEU A 93 -12.13 -11.14 28.61
CA LEU A 93 -13.27 -10.99 29.54
C LEU A 93 -14.41 -10.31 28.78
N GLU A 94 -14.07 -9.36 27.91
CA GLU A 94 -15.09 -8.79 27.01
C GLU A 94 -15.80 -9.86 26.22
N ILE A 95 -15.02 -10.82 25.71
CA ILE A 95 -15.61 -11.87 24.87
C ILE A 95 -16.51 -12.78 25.73
N LEU A 96 -16.09 -13.15 26.94
CA LEU A 96 -16.99 -13.90 27.82
C LEU A 96 -18.25 -13.10 28.08
N MET A 97 -18.08 -11.80 28.26
CA MET A 97 -19.23 -10.99 28.67
C MET A 97 -20.20 -10.86 27.50
N ILE A 98 -19.71 -10.60 26.28
CA ILE A 98 -20.68 -10.44 25.21
C ILE A 98 -21.43 -11.77 24.93
N GLY A 99 -20.73 -12.91 25.08
CA GLY A 99 -21.36 -14.21 24.95
C GLY A 99 -22.48 -14.38 25.96
N LEU A 100 -22.18 -14.00 27.20
CA LEU A 100 -23.16 -14.07 28.29
C LEU A 100 -24.37 -13.21 27.99
N VAL A 101 -24.11 -11.96 27.59
CA VAL A 101 -25.22 -11.03 27.26
C VAL A 101 -26.14 -11.55 26.12
N TRP A 102 -25.52 -12.11 25.08
CA TRP A 102 -26.24 -12.79 23.99
C TRP A 102 -27.09 -13.97 24.49
N ARG A 103 -26.53 -14.84 25.34
CA ARG A 103 -27.26 -15.96 25.88
C ARG A 103 -28.43 -15.48 26.73
N SER A 104 -28.31 -14.31 27.33
CA SER A 104 -29.30 -13.80 28.27
C SER A 104 -30.39 -12.96 27.61
N MET A 105 -30.30 -12.82 26.29
N MET A 105 -30.29 -12.71 26.31
CA MET A 105 -31.03 -11.78 25.55
CA MET A 105 -31.15 -11.71 25.68
C MET A 105 -32.56 -11.98 25.60
C MET A 105 -32.62 -11.99 25.94
N GLU A 106 -33.00 -13.23 25.74
CA GLU A 106 -34.41 -13.57 25.86
C GLU A 106 -34.79 -14.09 27.24
N HIS A 107 -34.07 -13.63 28.25
CA HIS A 107 -34.37 -13.85 29.66
C HIS A 107 -34.31 -12.55 30.44
N PRO A 108 -35.31 -11.66 30.27
CA PRO A 108 -35.16 -10.35 30.88
C PRO A 108 -34.98 -10.43 32.39
N GLY A 109 -34.10 -9.59 32.93
CA GLY A 109 -33.81 -9.56 34.35
C GLY A 109 -32.93 -10.70 34.86
N LYS A 110 -32.51 -11.60 33.97
CA LYS A 110 -31.64 -12.67 34.41
C LYS A 110 -30.42 -12.85 33.51
N LEU A 111 -29.44 -13.51 34.08
CA LEU A 111 -28.21 -13.78 33.31
C LEU A 111 -28.03 -15.29 33.18
N LEU A 112 -27.94 -15.75 31.93
CA LEU A 112 -27.83 -17.17 31.65
CA LEU A 112 -27.84 -17.18 31.63
C LEU A 112 -26.35 -17.50 31.57
N PHE A 113 -25.75 -17.67 32.73
CA PHE A 113 -24.32 -18.05 32.73
C PHE A 113 -24.16 -19.40 32.05
N ALA A 114 -25.11 -20.31 32.31
CA ALA A 114 -25.14 -21.60 31.64
C ALA A 114 -26.59 -22.08 31.63
N PRO A 115 -26.92 -23.10 30.81
CA PRO A 115 -28.33 -23.51 30.78
C PRO A 115 -28.84 -23.94 32.16
N ASN A 116 -27.92 -24.36 33.03
CA ASN A 116 -28.22 -24.78 34.40
C ASN A 116 -27.75 -23.77 35.45
N LEU A 117 -27.59 -22.52 35.04
CA LEU A 117 -27.12 -21.53 36.00
C LEU A 117 -27.65 -20.20 35.54
N LEU A 118 -28.93 -19.98 35.81
CA LEU A 118 -29.62 -18.76 35.41
C LEU A 118 -29.87 -17.96 36.67
N LEU A 119 -29.24 -16.79 36.77
CA LEU A 119 -29.28 -16.02 38.00
C LEU A 119 -29.96 -14.68 37.80
N ASP A 120 -30.75 -14.26 38.79
CA ASP A 120 -31.27 -12.88 38.74
C ASP A 120 -30.37 -11.96 39.56
N ARG A 121 -30.71 -10.68 39.64
CA ARG A 121 -29.76 -9.76 40.27
C ARG A 121 -29.68 -9.98 41.78
N ASN A 122 -30.74 -10.48 42.40
CA ASN A 122 -30.68 -10.70 43.84
C ASN A 122 -29.68 -11.81 44.14
N GLN A 123 -29.58 -12.77 43.24
CA GLN A 123 -28.63 -13.85 43.40
C GLN A 123 -27.21 -13.36 43.17
N GLY A 124 -27.05 -12.31 42.38
CA GLY A 124 -25.72 -11.74 42.18
C GLY A 124 -25.14 -11.07 43.41
N LYS A 125 -25.97 -10.81 44.42
CA LYS A 125 -25.51 -10.16 45.64
C LYS A 125 -24.79 -11.10 46.62
N MET A 130 -20.10 -8.91 41.82
CA MET A 130 -20.68 -7.67 42.33
C MET A 130 -22.00 -7.38 41.61
N VAL A 131 -23.06 -7.11 42.36
CA VAL A 131 -24.35 -6.80 41.74
C VAL A 131 -24.20 -5.61 40.76
N GLU A 132 -23.19 -4.76 40.97
CA GLU A 132 -22.86 -3.72 39.99
C GLU A 132 -22.56 -4.26 38.59
N ILE A 133 -21.61 -5.20 38.48
CA ILE A 133 -21.29 -5.89 37.23
C ILE A 133 -22.57 -6.51 36.66
N PHE A 134 -23.31 -7.14 37.53
CA PHE A 134 -24.50 -7.84 37.18
C PHE A 134 -25.54 -6.92 36.49
N ASP A 135 -25.76 -5.76 37.10
CA ASP A 135 -26.69 -4.80 36.53
C ASP A 135 -26.20 -4.28 35.18
N MET A 136 -24.90 -4.09 35.05
CA MET A 136 -24.38 -3.59 33.78
C MET A 136 -24.62 -4.63 32.69
N LEU A 137 -24.38 -5.91 32.99
CA LEU A 137 -24.59 -6.98 32.01
C LEU A 137 -26.09 -7.07 31.63
N LEU A 138 -26.95 -6.97 32.63
CA LEU A 138 -28.41 -7.00 32.38
C LEU A 138 -28.82 -5.84 31.43
N ALA A 139 -28.25 -4.65 31.65
CA ALA A 139 -28.59 -3.50 30.82
C ALA A 139 -28.12 -3.71 29.38
N THR A 140 -27.03 -4.45 29.20
CA THR A 140 -26.51 -4.69 27.86
C THR A 140 -27.45 -5.63 27.15
N SER A 141 -27.94 -6.64 27.88
CA SER A 141 -28.83 -7.63 27.33
C SER A 141 -30.11 -6.92 26.90
N SER A 142 -30.57 -6.04 27.78
CA SER A 142 -31.70 -5.19 27.45
C SER A 142 -31.53 -4.36 26.17
N ARG A 143 -30.35 -3.76 26.03
CA ARG A 143 -30.06 -2.93 24.87
C ARG A 143 -30.04 -3.79 23.62
N PHE A 144 -29.42 -4.97 23.72
CA PHE A 144 -29.48 -5.97 22.62
C PHE A 144 -30.94 -6.32 22.23
N ARG A 145 -31.80 -6.54 23.23
CA ARG A 145 -33.22 -6.82 23.00
C ARG A 145 -33.87 -5.63 22.31
N MET A 146 -33.58 -4.42 22.80
CA MET A 146 -34.13 -3.20 22.20
C MET A 146 -33.75 -3.12 20.71
N MET A 147 -32.51 -3.49 20.39
CA MET A 147 -32.03 -3.35 19.02
C MET A 147 -32.41 -4.52 18.16
N ASN A 148 -32.97 -5.56 18.77
CA ASN A 148 -33.22 -6.83 18.08
C ASN A 148 -31.93 -7.34 17.38
N LEU A 149 -30.85 -7.38 18.15
CA LEU A 149 -29.59 -7.91 17.63
C LEU A 149 -29.76 -9.27 16.97
N GLN A 150 -29.22 -9.43 15.77
CA GLN A 150 -29.26 -10.72 15.09
C GLN A 150 -28.01 -11.56 15.34
N GLY A 151 -28.15 -12.90 15.26
CA GLY A 151 -27.04 -13.82 15.43
C GLY A 151 -25.83 -13.45 14.55
N GLU A 152 -26.08 -13.13 13.29
CA GLU A 152 -25.00 -12.80 12.35
C GLU A 152 -24.29 -11.51 12.76
N GLU A 153 -25.05 -10.55 13.29
CA GLU A 153 -24.47 -9.32 13.83
C GLU A 153 -23.62 -9.60 15.06
N PHE A 154 -24.14 -10.42 15.96
CA PHE A 154 -23.43 -10.77 17.18
C PHE A 154 -22.01 -11.36 16.89
N VAL A 155 -21.93 -12.31 15.95
CA VAL A 155 -20.64 -12.96 15.75
C VAL A 155 -19.67 -11.95 15.14
N CYS A 156 -20.17 -11.01 14.33
CA CYS A 156 -19.33 -9.92 13.79
C CYS A 156 -18.80 -9.08 14.95
N LEU A 157 -19.67 -8.71 15.89
CA LEU A 157 -19.27 -7.84 17.00
C LEU A 157 -18.20 -8.54 17.87
N LYS A 158 -18.39 -9.83 18.11
CA LYS A 158 -17.48 -10.56 18.98
C LYS A 158 -16.09 -10.64 18.33
N SER A 159 -16.06 -10.81 17.02
CA SER A 159 -14.80 -10.85 16.27
C SER A 159 -14.12 -9.48 16.26
N ILE A 160 -14.92 -8.42 16.16
CA ILE A 160 -14.39 -7.06 16.29
C ILE A 160 -13.74 -6.86 17.66
N ILE A 161 -14.38 -7.32 18.74
CA ILE A 161 -13.75 -7.19 20.04
C ILE A 161 -12.38 -7.86 20.06
N LEU A 162 -12.34 -9.08 19.52
CA LEU A 162 -11.10 -9.86 19.52
C LEU A 162 -9.97 -9.08 18.80
N LEU A 163 -10.28 -8.51 17.64
CA LEU A 163 -9.25 -7.82 16.84
C LEU A 163 -8.94 -6.39 17.33
N ASN A 164 -9.91 -5.72 17.94
CA ASN A 164 -9.77 -4.30 18.25
C ASN A 164 -9.24 -4.00 19.64
N SER A 165 -9.60 -4.84 20.62
CA SER A 165 -9.41 -4.43 21.99
C SER A 165 -7.95 -4.21 22.35
N GLY A 166 -7.05 -5.01 21.77
CA GLY A 166 -5.64 -4.87 22.08
C GLY A 166 -4.77 -4.20 21.01
N VAL A 167 -5.39 -3.73 19.94
CA VAL A 167 -4.65 -3.24 18.78
C VAL A 167 -4.06 -1.83 18.98
N TYR A 168 -4.46 -1.13 20.04
CA TYR A 168 -3.88 0.19 20.34
C TYR A 168 -2.80 0.06 21.41
N THR A 169 -2.57 -1.16 21.90
CA THR A 169 -1.63 -1.34 23.03
C THR A 169 -0.51 -2.33 22.73
N PHE A 170 -0.23 -2.53 21.44
CA PHE A 170 1.04 -3.18 21.07
C PHE A 170 2.14 -2.22 21.47
N LEU A 171 3.09 -2.70 22.25
CA LEU A 171 4.04 -1.76 22.81
C LEU A 171 5.25 -1.80 21.91
N SER A 172 5.00 -1.72 20.61
CA SER A 172 5.99 -2.09 19.61
C SER A 172 5.79 -1.40 18.28
N SER A 173 6.90 -1.02 17.68
CA SER A 173 6.91 -0.24 16.46
C SER A 173 7.91 -0.85 15.45
N THR A 174 8.31 -2.10 15.68
CA THR A 174 9.05 -2.87 14.69
C THR A 174 8.30 -2.89 13.36
N LEU A 175 9.02 -3.13 12.26
CA LEU A 175 8.38 -3.22 10.95
C LEU A 175 7.34 -4.31 10.95
N LYS A 176 7.61 -5.39 11.66
CA LYS A 176 6.65 -6.46 11.76
C LYS A 176 5.39 -5.94 12.45
N SER A 177 5.56 -5.13 13.49
CA SER A 177 4.39 -4.64 14.25
C SER A 177 3.54 -3.72 13.37
N LEU A 178 4.16 -2.87 12.58
CA LEU A 178 3.41 -2.05 11.63
C LEU A 178 2.56 -2.91 10.68
N GLU A 179 3.15 -3.99 10.16
CA GLU A 179 2.47 -4.90 9.27
C GLU A 179 1.33 -5.61 9.98
N GLU A 180 1.58 -6.02 11.22
CA GLU A 180 0.57 -6.70 12.04
C GLU A 180 -0.64 -5.78 12.21
N LYS A 181 -0.36 -4.53 12.60
CA LYS A 181 -1.45 -3.58 12.89
C LYS A 181 -2.24 -3.30 11.59
N ASP A 182 -1.54 -3.16 10.49
CA ASP A 182 -2.22 -2.91 9.23
C ASP A 182 -3.15 -4.07 8.87
N HIS A 183 -2.67 -5.29 9.01
CA HIS A 183 -3.48 -6.46 8.73
C HIS A 183 -4.71 -6.51 9.62
N ILE A 184 -4.55 -6.24 10.92
CA ILE A 184 -5.68 -6.29 11.85
C ILE A 184 -6.72 -5.27 11.41
N HIS A 185 -6.28 -4.07 11.06
CA HIS A 185 -7.23 -3.07 10.64
C HIS A 185 -7.89 -3.43 9.31
N ARG A 186 -7.17 -4.08 8.38
CA ARG A 186 -7.78 -4.54 7.15
C ARG A 186 -8.86 -5.59 7.43
N VAL A 187 -8.61 -6.49 8.38
CA VAL A 187 -9.61 -7.52 8.69
C VAL A 187 -10.80 -6.83 9.37
N LEU A 188 -10.54 -5.88 10.26
CA LEU A 188 -11.63 -5.16 10.91
C LEU A 188 -12.50 -4.47 9.86
N ASP A 189 -11.85 -3.88 8.86
CA ASP A 189 -12.56 -3.25 7.74
C ASP A 189 -13.45 -4.28 7.01
N LYS A 190 -12.94 -5.50 6.80
CA LYS A 190 -13.75 -6.54 6.14
C LYS A 190 -14.97 -6.85 7.01
N ILE A 191 -14.80 -6.87 8.34
CA ILE A 191 -15.97 -7.16 9.19
C ILE A 191 -16.97 -6.00 9.13
N THR A 192 -16.49 -4.77 9.05
CA THR A 192 -17.40 -3.61 8.90
C THR A 192 -18.23 -3.79 7.64
N ASP A 193 -17.54 -4.09 6.52
CA ASP A 193 -18.21 -4.35 5.23
C ASP A 193 -19.29 -5.41 5.38
N THR A 194 -18.96 -6.44 6.14
CA THR A 194 -19.83 -7.56 6.35
C THR A 194 -21.11 -7.13 7.14
N LEU A 195 -20.92 -6.32 8.19
CA LEU A 195 -22.05 -5.78 8.97
C LEU A 195 -22.98 -4.98 8.08
N ILE A 196 -22.38 -4.10 7.28
CA ILE A 196 -23.14 -3.24 6.40
C ILE A 196 -23.93 -4.10 5.40
N HIS A 197 -23.27 -5.12 4.89
CA HIS A 197 -23.93 -6.05 3.96
C HIS A 197 -25.15 -6.76 4.60
N LEU A 198 -25.00 -7.24 5.83
CA LEU A 198 -26.09 -7.90 6.55
C LEU A 198 -27.30 -6.97 6.73
N MET A 199 -27.01 -5.72 7.03
CA MET A 199 -28.05 -4.72 7.23
C MET A 199 -28.71 -4.32 5.90
N ALA A 200 -27.90 -4.27 4.83
CA ALA A 200 -28.44 -3.96 3.49
C ALA A 200 -29.36 -5.07 3.06
N LYS A 201 -28.94 -6.31 3.30
CA LYS A 201 -29.77 -7.47 2.99
C LYS A 201 -31.07 -7.48 3.80
N ALA A 202 -31.05 -6.98 5.02
CA ALA A 202 -32.26 -6.97 5.86
C ALA A 202 -33.23 -5.84 5.50
N GLY A 203 -32.87 -5.04 4.50
CA GLY A 203 -33.75 -4.01 3.95
C GLY A 203 -33.57 -2.59 4.49
N LEU A 204 -32.64 -2.41 5.40
CA LEU A 204 -32.41 -1.09 5.96
C LEU A 204 -31.92 -0.13 4.89
N THR A 205 -32.35 1.13 5.00
CA THR A 205 -31.85 2.18 4.11
C THR A 205 -30.38 2.46 4.45
N LEU A 206 -29.66 3.12 3.53
CA LEU A 206 -28.26 3.45 3.80
C LEU A 206 -28.14 4.26 5.09
N GLN A 207 -29.04 5.22 5.28
CA GLN A 207 -29.05 5.97 6.55
C GLN A 207 -29.17 5.06 7.77
N GLN A 208 -30.13 4.15 7.72
CA GLN A 208 -30.36 3.20 8.80
C GLN A 208 -29.16 2.30 8.99
N GLN A 209 -28.50 1.97 7.87
CA GLN A 209 -27.35 1.11 7.93
C GLN A 209 -26.22 1.74 8.75
N HIS A 210 -25.87 2.99 8.43
CA HIS A 210 -24.75 3.57 9.16
C HIS A 210 -25.20 3.87 10.59
N GLN A 211 -26.46 4.23 10.79
CA GLN A 211 -26.91 4.44 12.19
C GLN A 211 -26.83 3.16 13.04
N ARG A 212 -27.19 2.02 12.46
CA ARG A 212 -27.17 0.77 13.24
C ARG A 212 -25.74 0.30 13.48
N LEU A 213 -24.88 0.49 12.48
CA LEU A 213 -23.47 0.19 12.61
C LEU A 213 -22.96 0.95 13.83
N ALA A 214 -23.27 2.24 13.86
CA ALA A 214 -22.74 3.07 14.93
C ALA A 214 -23.31 2.62 16.28
N GLN A 215 -24.61 2.34 16.31
CA GLN A 215 -25.25 1.90 17.56
C GLN A 215 -24.57 0.63 18.09
N LEU A 216 -24.33 -0.32 17.18
CA LEU A 216 -23.67 -1.58 17.57
C LEU A 216 -22.24 -1.33 18.11
N LEU A 217 -21.46 -0.55 17.38
CA LEU A 217 -20.08 -0.34 17.81
C LEU A 217 -19.98 0.44 19.12
N LEU A 218 -20.95 1.31 19.41
CA LEU A 218 -20.85 2.12 20.62
C LEU A 218 -21.16 1.24 21.82
N ILE A 219 -21.89 0.16 21.63
CA ILE A 219 -22.10 -0.76 22.75
C ILE A 219 -20.78 -1.40 23.19
N LEU A 220 -19.82 -1.55 22.26
CA LEU A 220 -18.55 -2.16 22.61
C LEU A 220 -17.79 -1.32 23.63
N SER A 221 -18.06 -0.03 23.68
CA SER A 221 -17.44 0.78 24.70
C SER A 221 -17.94 0.43 26.08
N HIS A 222 -19.24 0.18 26.15
CA HIS A 222 -19.80 -0.24 27.43
C HIS A 222 -19.23 -1.63 27.80
N ILE A 223 -19.05 -2.47 26.80
CA ILE A 223 -18.58 -3.84 27.13
C ILE A 223 -17.12 -3.75 27.65
N ARG A 224 -16.32 -2.86 27.08
CA ARG A 224 -14.99 -2.61 27.62
C ARG A 224 -15.09 -2.12 29.07
N HIS A 225 -15.98 -1.18 29.33
CA HIS A 225 -16.16 -0.66 30.66
C HIS A 225 -16.42 -1.80 31.65
N MET A 226 -17.38 -2.65 31.31
CA MET A 226 -17.74 -3.83 32.14
C MET A 226 -16.54 -4.73 32.39
N SER A 227 -15.76 -5.00 31.35
CA SER A 227 -14.58 -5.84 31.54
CA SER A 227 -14.58 -5.85 31.52
CA SER A 227 -14.55 -5.84 31.50
C SER A 227 -13.58 -5.20 32.48
N ASN A 228 -13.38 -3.89 32.35
CA ASN A 228 -12.45 -3.24 33.27
C ASN A 228 -12.98 -3.34 34.69
N LYS A 229 -14.28 -3.20 34.86
CA LYS A 229 -14.83 -3.31 36.21
C LYS A 229 -14.66 -4.72 36.76
N GLY A 230 -14.94 -5.70 35.91
CA GLY A 230 -14.77 -7.10 36.28
C GLY A 230 -13.34 -7.44 36.61
N MET A 231 -12.40 -6.93 35.80
CA MET A 231 -10.98 -7.18 36.01
CA MET A 231 -10.99 -7.22 36.03
C MET A 231 -10.53 -6.62 37.36
N GLU A 232 -11.11 -5.49 37.74
CA GLU A 232 -10.79 -4.86 39.03
C GLU A 232 -11.23 -5.81 40.15
N HIS A 233 -12.39 -6.44 39.94
CA HIS A 233 -12.89 -7.47 40.86
C HIS A 233 -11.94 -8.70 40.93
N LEU A 234 -11.53 -9.22 39.79
CA LEU A 234 -10.69 -10.42 39.75
C LEU A 234 -9.25 -10.22 40.24
N TYR A 235 -8.65 -9.08 39.89
CA TYR A 235 -7.31 -8.71 40.35
C TYR A 235 -7.33 -8.51 41.87
N SER A 236 -8.48 -8.07 42.37
CA SER A 236 -8.72 -7.91 43.81
C SER A 236 -8.65 -9.26 44.53
N MET A 237 -8.64 -10.35 43.76
CA MET A 237 -8.60 -11.70 44.30
C MET A 237 -7.23 -12.36 44.26
N LYS A 238 -6.23 -11.64 43.75
CA LYS A 238 -4.84 -12.14 43.66
C LYS A 238 -4.78 -13.52 43.01
N PRO A 244 1.29 -15.79 35.05
CA PRO A 244 0.64 -14.78 34.20
C PRO A 244 -0.34 -15.42 33.20
N LEU A 245 -1.47 -14.77 32.95
CA LEU A 245 -2.44 -15.30 31.98
C LEU A 245 -1.81 -15.43 30.60
N SER A 246 -0.87 -14.54 30.28
CA SER A 246 -0.19 -14.60 28.99
C SER A 246 0.51 -15.95 28.78
N ASP A 247 1.02 -16.53 29.85
CA ASP A 247 1.69 -17.84 29.74
C ASP A 247 0.68 -18.94 29.39
N LEU A 248 -0.48 -18.88 30.02
CA LEU A 248 -1.54 -19.88 29.76
C LEU A 248 -2.04 -19.72 28.34
N LEU A 249 -2.26 -18.48 27.93
CA LEU A 249 -2.73 -18.19 26.59
C LEU A 249 -1.76 -18.71 25.55
N LEU A 250 -0.49 -18.45 25.80
CA LEU A 250 0.60 -18.88 24.91
C LEU A 250 0.60 -20.41 24.85
N GLU A 251 0.52 -21.06 25.99
CA GLU A 251 0.47 -22.52 26.02
C GLU A 251 -0.68 -23.07 25.14
N MET A 252 -1.85 -22.44 25.25
CA MET A 252 -3.01 -22.92 24.52
C MET A 252 -2.95 -22.55 23.05
N LEU A 253 -2.38 -21.38 22.75
CA LEU A 253 -2.30 -20.93 21.39
C LEU A 253 -1.12 -21.59 20.66
N ASP A 254 0.03 -21.75 21.34
CA ASP A 254 1.29 -22.25 20.72
C ASP A 254 1.18 -23.73 20.52
N ALA A 255 0.22 -24.15 19.70
CA ALA A 255 -0.06 -25.56 19.61
C ALA A 255 0.86 -26.24 18.62
N HIS A 256 1.06 -27.55 18.78
CA HIS A 256 1.84 -28.20 17.74
C HIS A 256 0.85 -28.64 16.64
N ARG A 257 1.32 -29.38 15.64
CA ARG A 257 0.45 -29.96 14.62
C ARG A 257 0.44 -31.47 14.72
N LEU A 258 0.57 -31.98 15.93
CA LEU A 258 0.71 -33.41 16.13
C LEU A 258 -0.65 -34.10 16.33
N HIS A 259 -1.73 -33.40 15.99
CA HIS A 259 -3.07 -34.00 16.08
C HIS A 259 -3.78 -33.96 14.73
N LEU B 15 -35.59 21.30 18.97
CA LEU B 15 -35.10 21.55 17.61
C LEU B 15 -33.70 20.98 17.34
N ALA B 16 -33.08 20.35 18.33
CA ALA B 16 -31.79 19.70 18.08
C ALA B 16 -31.91 18.59 17.01
N LEU B 17 -33.01 17.85 17.03
CA LEU B 17 -33.18 16.79 16.06
C LEU B 17 -33.49 17.36 14.65
N SER B 18 -33.73 18.68 14.56
CA SER B 18 -34.07 19.29 13.26
C SER B 18 -32.83 19.85 12.53
N LEU B 19 -31.69 19.82 13.19
CA LEU B 19 -30.44 20.33 12.62
C LEU B 19 -29.98 19.56 11.40
N THR B 20 -29.54 20.29 10.39
CA THR B 20 -28.81 19.67 9.28
C THR B 20 -27.42 19.27 9.76
N ALA B 21 -26.72 18.48 8.95
CA ALA B 21 -25.37 18.03 9.29
C ALA B 21 -24.45 19.25 9.41
N ASP B 22 -24.53 20.15 8.44
CA ASP B 22 -23.70 21.35 8.47
C ASP B 22 -24.01 22.22 9.71
N GLN B 23 -25.27 22.26 10.12
CA GLN B 23 -25.64 23.04 11.30
C GLN B 23 -25.16 22.33 12.56
N MET B 24 -25.20 21.00 12.56
CA MET B 24 -24.63 20.25 13.68
C MET B 24 -23.12 20.56 13.81
N VAL B 25 -22.39 20.52 12.69
CA VAL B 25 -20.94 20.72 12.73
C VAL B 25 -20.58 22.14 13.21
N SER B 26 -21.25 23.15 12.67
CA SER B 26 -20.97 24.53 13.08
CA SER B 26 -21.01 24.54 13.09
C SER B 26 -21.34 24.70 14.56
N ALA B 27 -22.45 24.10 14.99
CA ALA B 27 -22.82 24.12 16.39
C ALA B 27 -21.69 23.56 17.26
N LEU B 28 -21.19 22.39 16.89
CA LEU B 28 -20.14 21.78 17.69
C LEU B 28 -18.83 22.58 17.63
N LEU B 29 -18.45 23.09 16.47
CA LEU B 29 -17.20 23.82 16.39
C LEU B 29 -17.30 25.09 17.23
N ASP B 30 -18.49 25.69 17.27
CA ASP B 30 -18.70 26.94 17.99
C ASP B 30 -18.64 26.73 19.50
N ALA B 31 -18.97 25.51 19.92
CA ALA B 31 -19.05 25.13 21.34
C ALA B 31 -17.68 24.82 21.95
N GLU B 32 -16.65 24.81 21.13
CA GLU B 32 -15.37 24.25 21.61
C GLU B 32 -14.83 25.05 22.79
N PRO B 33 -14.36 24.36 23.83
CA PRO B 33 -13.75 25.01 24.98
C PRO B 33 -12.39 25.61 24.66
N PRO B 34 -11.93 26.53 25.50
CA PRO B 34 -10.62 27.09 25.22
C PRO B 34 -9.53 26.12 25.62
N ILE B 35 -8.34 26.40 25.14
CA ILE B 35 -7.17 25.68 25.58
C ILE B 35 -6.57 26.42 26.78
N LEU B 36 -6.58 25.78 27.95
CA LEU B 36 -6.07 26.38 29.18
C LEU B 36 -4.57 26.17 29.38
N TYR B 37 -4.00 26.99 30.27
CA TYR B 37 -2.58 26.90 30.57
C TYR B 37 -2.39 26.27 31.93
N SER B 38 -1.28 25.58 32.10
CA SER B 38 -0.92 25.13 33.43
C SER B 38 -0.56 26.33 34.33
N GLU B 39 -0.89 26.29 35.60
CA GLU B 39 -0.50 27.48 36.31
C GLU B 39 0.65 27.08 37.21
N TYR B 40 1.82 27.51 36.76
CA TYR B 40 3.05 27.44 37.55
C TYR B 40 3.89 28.68 37.19
N ASP B 41 4.89 28.93 38.02
CA ASP B 41 5.78 30.04 37.81
C ASP B 41 6.83 29.62 36.77
N PRO B 42 6.76 30.18 35.55
CA PRO B 42 7.66 29.66 34.52
C PRO B 42 9.06 30.18 34.70
N THR B 43 9.20 31.25 35.48
CA THR B 43 10.52 31.78 35.81
C THR B 43 11.20 30.92 36.89
N ARG B 44 10.46 29.95 37.45
CA ARG B 44 10.96 29.15 38.58
C ARG B 44 11.44 27.79 38.12
N PRO B 45 12.29 27.12 38.92
CA PRO B 45 12.72 25.75 38.56
C PRO B 45 11.56 24.77 38.42
N PHE B 46 11.70 23.83 37.50
CA PHE B 46 10.70 22.79 37.25
C PHE B 46 10.93 21.57 38.15
N SER B 47 9.87 20.84 38.47
CA SER B 47 10.00 19.65 39.32
C SER B 47 9.93 18.34 38.56
N SER B 50 6.17 18.12 41.35
CA SER B 50 4.84 18.74 41.38
C SER B 50 3.89 18.33 40.24
N MET B 51 4.24 17.29 39.50
CA MET B 51 3.50 16.97 38.27
C MET B 51 1.99 16.71 38.46
N MET B 52 1.66 15.80 39.37
CA MET B 52 0.24 15.47 39.59
C MET B 52 -0.54 16.71 40.01
N GLY B 53 0.11 17.57 40.80
CA GLY B 53 -0.52 18.78 41.27
C GLY B 53 -0.90 19.69 40.10
N LEU B 54 0.06 19.88 39.19
CA LEU B 54 -0.16 20.67 37.98
C LEU B 54 -1.26 20.09 37.13
N LEU B 55 -1.21 18.78 36.92
CA LEU B 55 -2.22 18.12 36.07
C LEU B 55 -3.61 18.19 36.72
N THR B 56 -3.66 18.00 38.03
CA THR B 56 -4.96 18.08 38.74
C THR B 56 -5.60 19.48 38.63
N ASN B 57 -4.78 20.52 38.82
CA ASN B 57 -5.26 21.90 38.81
C ASN B 57 -5.81 22.23 37.44
N LEU B 58 -5.05 21.81 36.42
CA LEU B 58 -5.44 22.00 35.03
C LEU B 58 -6.78 21.31 34.75
N ALA B 59 -6.87 20.05 35.15
CA ALA B 59 -8.07 19.23 34.91
C ALA B 59 -9.28 19.85 35.61
N ASP B 60 -9.10 20.32 36.84
CA ASP B 60 -10.20 20.96 37.57
C ASP B 60 -10.69 22.24 36.88
N ARG B 61 -9.78 23.07 36.35
CA ARG B 61 -10.20 24.28 35.65
C ARG B 61 -10.86 23.91 34.34
N GLU B 62 -10.36 22.87 33.69
CA GLU B 62 -10.90 22.42 32.41
C GLU B 62 -12.32 21.86 32.57
N LEU B 63 -12.61 21.34 33.74
CA LEU B 63 -13.95 20.76 34.01
C LEU B 63 -15.05 21.82 33.96
N VAL B 64 -14.76 23.01 34.49
CA VAL B 64 -15.74 24.08 34.48
C VAL B 64 -16.12 24.44 33.03
N HIS B 65 -15.11 24.55 32.16
CA HIS B 65 -15.38 24.85 30.76
C HIS B 65 -16.07 23.68 30.08
N MET B 66 -15.84 22.50 30.57
CA MET B 66 -16.49 21.32 29.97
C MET B 66 -18.01 21.36 30.14
N ILE B 67 -18.44 21.81 31.30
CA ILE B 67 -19.86 21.94 31.58
C ILE B 67 -20.47 22.95 30.63
N ASN B 68 -19.76 24.05 30.40
CA ASN B 68 -20.23 25.05 29.43
C ASN B 68 -20.33 24.50 28.05
N TRP B 69 -19.32 23.74 27.66
CA TRP B 69 -19.33 23.07 26.40
C TRP B 69 -20.53 22.13 26.30
N ALA B 70 -20.74 21.31 27.32
CA ALA B 70 -21.75 20.25 27.19
C ALA B 70 -23.13 20.85 26.98
N LYS B 71 -23.37 22.01 27.61
CA LYS B 71 -24.69 22.63 27.51
C LYS B 71 -24.92 23.17 26.10
N ARG B 72 -23.84 23.29 25.31
CA ARG B 72 -23.95 23.74 23.93
C ARG B 72 -23.98 22.61 22.89
N VAL B 73 -23.82 21.36 23.35
CA VAL B 73 -23.94 20.20 22.47
C VAL B 73 -25.44 20.05 22.20
N PRO B 74 -25.85 20.15 20.94
CA PRO B 74 -27.29 20.05 20.64
C PRO B 74 -27.97 18.87 21.31
N GLY B 75 -29.09 19.12 21.98
CA GLY B 75 -29.80 18.05 22.62
C GLY B 75 -29.49 17.81 24.09
N PHE B 76 -28.32 18.24 24.55
CA PHE B 76 -27.89 17.89 25.90
C PHE B 76 -28.78 18.58 26.96
N VAL B 77 -29.11 19.85 26.78
CA VAL B 77 -29.94 20.54 27.81
C VAL B 77 -31.42 20.22 27.70
N ASP B 78 -31.77 19.39 26.73
CA ASP B 78 -33.14 18.84 26.67
C ASP B 78 -33.35 17.77 27.71
N LEU B 79 -32.24 17.22 28.23
CA LEU B 79 -32.27 16.15 29.21
C LEU B 79 -32.53 16.71 30.61
N THR B 80 -33.00 15.88 31.53
CA THR B 80 -33.11 16.31 32.93
C THR B 80 -31.72 16.66 33.50
N LEU B 81 -31.69 17.47 34.55
N LEU B 81 -31.72 17.51 34.53
CA LEU B 81 -30.41 17.77 35.19
CA LEU B 81 -30.54 17.80 35.30
C LEU B 81 -29.81 16.51 35.82
C LEU B 81 -29.85 16.52 35.77
N HIS B 82 -30.64 15.61 36.33
CA HIS B 82 -30.16 14.34 36.83
C HIS B 82 -29.43 13.59 35.72
N ASP B 83 -30.03 13.55 34.54
CA ASP B 83 -29.37 12.80 33.48
C ASP B 83 -28.14 13.53 32.93
N GLN B 84 -28.18 14.85 32.81
CA GLN B 84 -26.96 15.60 32.45
C GLN B 84 -25.82 15.28 33.42
N VAL B 85 -26.12 15.24 34.71
CA VAL B 85 -25.10 14.93 35.71
C VAL B 85 -24.57 13.50 35.48
N HIS B 86 -25.49 12.58 35.23
CA HIS B 86 -25.09 11.18 35.05
C HIS B 86 -24.18 11.05 33.82
N LEU B 87 -24.53 11.69 32.71
CA LEU B 87 -23.71 11.60 31.51
C LEU B 87 -22.34 12.20 31.74
N LEU B 88 -22.25 13.35 32.39
CA LEU B 88 -20.94 13.96 32.57
C LEU B 88 -20.13 13.19 33.62
N GLU B 89 -20.78 12.65 34.65
CA GLU B 89 -20.06 11.79 35.61
C GLU B 89 -19.40 10.58 34.94
N SER B 90 -20.07 9.99 33.95
N SER B 90 -20.07 10.00 33.92
CA SER B 90 -19.55 8.85 33.25
CA SER B 90 -19.58 8.82 33.22
C SER B 90 -18.37 9.29 32.38
C SER B 90 -18.52 9.16 32.18
N ALA B 91 -18.58 10.39 31.67
CA ALA B 91 -17.73 10.75 30.53
C ALA B 91 -16.59 11.73 30.75
N TRP B 92 -16.54 12.38 31.89
CA TRP B 92 -15.68 13.59 32.00
C TRP B 92 -14.22 13.26 31.74
N LEU B 93 -13.75 12.09 32.19
CA LEU B 93 -12.30 11.85 32.07
C LEU B 93 -12.01 11.44 30.62
N GLU B 94 -12.91 10.66 30.03
CA GLU B 94 -12.81 10.40 28.58
C GLU B 94 -12.72 11.69 27.78
N ILE B 95 -13.52 12.68 28.16
CA ILE B 95 -13.56 13.92 27.40
C ILE B 95 -12.25 14.70 27.57
N LEU B 96 -11.72 14.76 28.79
CA LEU B 96 -10.40 15.39 29.02
C LEU B 96 -9.35 14.67 28.20
N MET B 97 -9.47 13.34 28.15
CA MET B 97 -8.45 12.57 27.45
C MET B 97 -8.52 12.75 25.95
N ILE B 98 -9.71 12.70 25.33
CA ILE B 98 -9.71 12.86 23.88
C ILE B 98 -9.24 14.29 23.50
N GLY B 99 -9.54 15.25 24.38
CA GLY B 99 -9.05 16.62 24.18
C GLY B 99 -7.53 16.67 24.14
N LEU B 100 -6.94 16.06 25.16
CA LEU B 100 -5.47 15.97 25.24
C LEU B 100 -4.87 15.31 24.02
N VAL B 101 -5.44 14.15 23.63
CA VAL B 101 -4.91 13.40 22.48
C VAL B 101 -4.94 14.25 21.21
N TRP B 102 -6.07 14.95 21.00
CA TRP B 102 -6.23 15.89 19.90
C TRP B 102 -5.19 17.02 19.90
N ARG B 103 -4.96 17.68 21.04
CA ARG B 103 -3.96 18.71 20.93
C ARG B 103 -2.53 18.13 20.92
N SER B 104 -2.37 16.84 21.17
CA SER B 104 -1.06 16.23 21.13
C SER B 104 -0.74 15.71 19.73
N MET B 105 -1.69 15.85 18.82
CA MET B 105 -1.70 15.05 17.57
C MET B 105 -0.48 15.37 16.68
N GLU B 106 -0.05 16.63 16.70
CA GLU B 106 1.10 17.09 15.91
C GLU B 106 2.37 17.18 16.76
N HIS B 107 2.40 16.46 17.89
CA HIS B 107 3.58 16.39 18.74
C HIS B 107 3.95 14.94 19.01
N PRO B 108 4.53 14.26 17.99
CA PRO B 108 4.85 12.85 18.15
C PRO B 108 5.67 12.61 19.41
N GLY B 109 5.26 11.63 20.21
CA GLY B 109 6.03 11.25 21.39
C GLY B 109 5.81 12.10 22.64
N LYS B 110 5.01 13.14 22.53
CA LYS B 110 4.71 13.99 23.69
C LYS B 110 3.24 14.23 23.93
N LEU B 111 2.94 14.65 25.14
CA LEU B 111 1.55 14.96 25.46
C LEU B 111 1.45 16.46 25.80
N LEU B 112 0.61 17.17 25.06
CA LEU B 112 0.44 18.63 25.21
C LEU B 112 -0.69 18.87 26.19
N PHE B 113 -0.37 18.69 27.46
CA PHE B 113 -1.36 18.94 28.53
C PHE B 113 -1.80 20.38 28.43
N ALA B 114 -0.86 21.29 28.15
CA ALA B 114 -1.18 22.70 27.96
C ALA B 114 -0.05 23.26 27.10
N PRO B 115 -0.24 24.47 26.51
CA PRO B 115 0.86 24.96 25.67
C PRO B 115 2.16 25.15 26.45
N ASN B 116 2.06 25.31 27.76
CA ASN B 116 3.23 25.47 28.60
C ASN B 116 3.50 24.25 29.45
N LEU B 117 2.96 23.10 29.02
CA LEU B 117 3.19 21.88 29.77
C LEU B 117 3.17 20.73 28.78
N LEU B 118 4.28 20.56 28.08
CA LEU B 118 4.47 19.53 27.08
C LEU B 118 5.41 18.48 27.64
N LEU B 119 4.92 17.26 27.79
CA LEU B 119 5.64 16.24 28.51
C LEU B 119 5.89 15.01 27.64
N ASP B 120 7.10 14.46 27.72
CA ASP B 120 7.38 13.18 27.05
C ASP B 120 7.12 12.02 28.02
N ARG B 121 7.27 10.78 27.57
CA ARG B 121 6.89 9.69 28.46
C ARG B 121 7.86 9.54 29.65
N ASN B 122 9.09 10.01 29.52
CA ASN B 122 10.03 9.94 30.62
C ASN B 122 9.60 10.87 31.75
N GLN B 123 9.17 12.07 31.40
CA GLN B 123 8.61 13.00 32.39
C GLN B 123 7.36 12.43 33.08
N GLY B 124 6.65 11.52 32.43
CA GLY B 124 5.49 10.91 33.04
C GLY B 124 5.81 9.85 34.10
N LYS B 125 7.07 9.41 34.12
CA LYS B 125 7.51 8.42 35.08
C LYS B 125 7.58 8.98 36.52
N SER B 126 7.46 10.29 36.66
CA SER B 126 7.60 10.96 37.97
C SER B 126 6.41 10.73 38.90
N GLY B 129 2.56 4.87 38.42
CA GLY B 129 1.59 4.26 37.52
C GLY B 129 1.19 5.16 36.36
N MET B 130 1.76 6.35 36.32
CA MET B 130 1.42 7.27 35.25
C MET B 130 1.93 6.83 33.88
N VAL B 131 3.18 6.40 33.75
CA VAL B 131 3.73 6.16 32.39
C VAL B 131 2.87 5.16 31.56
N GLU B 132 2.20 4.20 32.22
CA GLU B 132 1.22 3.34 31.57
C GLU B 132 0.07 4.11 30.89
N ILE B 133 -0.61 4.96 31.65
CA ILE B 133 -1.58 5.90 31.07
C ILE B 133 -0.93 6.80 29.96
N PHE B 134 0.29 7.31 30.18
CA PHE B 134 0.92 8.24 29.22
C PHE B 134 1.09 7.46 27.90
N ASP B 135 1.55 6.22 27.98
CA ASP B 135 1.80 5.45 26.79
C ASP B 135 0.52 5.17 26.02
N MET B 136 -0.56 4.87 26.73
CA MET B 136 -1.83 4.64 26.04
C MET B 136 -2.28 5.94 25.37
N LEU B 137 -2.15 7.08 26.03
CA LEU B 137 -2.57 8.34 25.40
C LEU B 137 -1.72 8.67 24.15
N LEU B 138 -0.42 8.46 24.27
CA LEU B 138 0.47 8.63 23.11
C LEU B 138 0.06 7.75 21.91
N ALA B 139 -0.29 6.50 22.20
CA ALA B 139 -0.73 5.60 21.15
C ALA B 139 -2.02 6.08 20.48
N THR B 140 -2.90 6.73 21.24
CA THR B 140 -4.15 7.21 20.68
C THR B 140 -3.83 8.40 19.79
N SER B 141 -2.90 9.24 20.22
CA SER B 141 -2.48 10.38 19.41
C SER B 141 -1.87 9.88 18.08
N SER B 142 -1.00 8.85 18.18
CA SER B 142 -0.45 8.15 17.01
C SER B 142 -1.56 7.65 16.05
N ARG B 143 -2.57 7.02 16.63
CA ARG B 143 -3.64 6.45 15.80
C ARG B 143 -4.42 7.57 15.11
N PHE B 144 -4.73 8.66 15.84
CA PHE B 144 -5.32 9.85 15.21
C PHE B 144 -4.44 10.40 14.06
N ARG B 145 -3.13 10.51 14.30
CA ARG B 145 -2.18 10.93 13.26
C ARG B 145 -2.31 10.01 12.05
N MET B 146 -2.23 8.71 12.27
CA MET B 146 -2.33 7.74 11.18
C MET B 146 -3.66 7.92 10.40
N MET B 147 -4.75 8.22 11.09
CA MET B 147 -6.02 8.31 10.40
C MET B 147 -6.21 9.66 9.76
N ASN B 148 -5.30 10.59 10.04
CA ASN B 148 -5.47 12.00 9.71
C ASN B 148 -6.83 12.54 10.17
N LEU B 149 -7.11 12.34 11.46
CA LEU B 149 -8.36 12.85 12.04
C LEU B 149 -8.55 14.33 11.75
N GLN B 150 -9.76 14.71 11.34
CA GLN B 150 -10.07 16.10 11.09
C GLN B 150 -10.77 16.76 12.27
N GLY B 151 -10.57 18.07 12.41
CA GLY B 151 -11.23 18.83 13.46
C GLY B 151 -12.74 18.59 13.53
N GLU B 152 -13.41 18.52 12.38
CA GLU B 152 -14.87 18.32 12.37
C GLU B 152 -15.26 16.94 12.86
N GLU B 153 -14.41 15.95 12.57
CA GLU B 153 -14.59 14.59 13.08
C GLU B 153 -14.37 14.54 14.57
N PHE B 154 -13.29 15.18 15.04
CA PHE B 154 -12.97 15.24 16.47
C PHE B 154 -14.16 15.77 17.30
N VAL B 155 -14.76 16.90 16.90
CA VAL B 155 -15.84 17.42 17.75
C VAL B 155 -17.07 16.49 17.73
N CYS B 156 -17.33 15.81 16.62
CA CYS B 156 -18.37 14.79 16.57
C CYS B 156 -18.06 13.66 17.57
N LEU B 157 -16.83 13.16 17.56
CA LEU B 157 -16.46 12.06 18.44
C LEU B 157 -16.60 12.46 19.91
N LYS B 158 -16.15 13.66 20.24
CA LYS B 158 -16.19 14.08 21.63
C LYS B 158 -17.64 14.20 22.13
N SER B 159 -18.53 14.64 21.26
CA SER B 159 -19.95 14.72 21.59
C SER B 159 -20.56 13.34 21.74
N ILE B 160 -20.14 12.41 20.89
CA ILE B 160 -20.60 11.05 21.02
C ILE B 160 -20.20 10.49 22.38
N ILE B 161 -18.97 10.76 22.84
CA ILE B 161 -18.55 10.28 24.15
C ILE B 161 -19.51 10.81 25.21
N LEU B 162 -19.78 12.11 25.15
CA LEU B 162 -20.65 12.75 26.14
C LEU B 162 -22.02 12.03 26.24
N LEU B 163 -22.60 11.74 25.08
CA LEU B 163 -23.95 11.18 25.00
C LEU B 163 -23.98 9.66 25.26
N ASN B 164 -22.92 8.96 24.89
CA ASN B 164 -22.96 7.52 24.88
C ASN B 164 -22.46 6.91 26.18
N SER B 165 -21.47 7.55 26.82
CA SER B 165 -20.72 6.77 27.81
C SER B 165 -21.57 6.41 29.01
N GLY B 166 -22.49 7.28 29.38
CA GLY B 166 -23.36 6.94 30.49
C GLY B 166 -24.75 6.36 30.13
N VAL B 167 -25.05 6.17 28.84
CA VAL B 167 -26.45 5.90 28.43
C VAL B 167 -26.89 4.44 28.67
N TYR B 168 -25.94 3.55 29.01
CA TYR B 168 -26.28 2.18 29.36
C TYR B 168 -26.35 2.01 30.89
N THR B 169 -26.12 3.08 31.67
CA THR B 169 -26.08 2.91 33.12
C THR B 169 -27.06 3.80 33.89
N PHE B 170 -28.16 4.20 33.26
CA PHE B 170 -29.16 4.97 33.98
C PHE B 170 -29.87 4.11 35.03
N SER B 173 -35.81 3.09 34.89
CA SER B 173 -36.73 2.47 33.95
C SER B 173 -38.09 3.20 33.93
N THR B 174 -38.12 4.40 34.50
CA THR B 174 -39.31 5.25 34.49
C THR B 174 -39.69 5.62 33.07
N LEU B 175 -40.94 6.02 32.88
CA LEU B 175 -41.37 6.52 31.56
C LEU B 175 -40.47 7.63 31.05
N LYS B 176 -40.11 8.53 31.97
CA LYS B 176 -39.21 9.65 31.68
C LYS B 176 -37.85 9.11 31.23
N SER B 177 -37.35 8.09 31.91
CA SER B 177 -36.03 7.58 31.58
C SER B 177 -36.07 6.91 30.20
N LEU B 178 -37.16 6.25 29.85
CA LEU B 178 -37.27 5.67 28.51
C LEU B 178 -37.23 6.78 27.47
N GLU B 179 -37.89 7.90 27.79
CA GLU B 179 -37.95 9.03 26.87
C GLU B 179 -36.59 9.68 26.72
N GLU B 180 -35.88 9.76 27.85
CA GLU B 180 -34.54 10.32 27.87
C GLU B 180 -33.59 9.47 27.01
N LYS B 181 -33.67 8.16 27.20
CA LYS B 181 -32.77 7.29 26.45
C LYS B 181 -33.07 7.35 24.95
N ASP B 182 -34.34 7.47 24.60
CA ASP B 182 -34.69 7.55 23.20
C ASP B 182 -34.15 8.84 22.58
N HIS B 183 -34.28 9.93 23.31
CA HIS B 183 -33.77 11.19 22.82
C HIS B 183 -32.27 11.13 22.62
N ILE B 184 -31.56 10.57 23.60
CA ILE B 184 -30.08 10.48 23.51
C ILE B 184 -29.69 9.69 22.27
N HIS B 185 -30.35 8.57 22.06
CA HIS B 185 -30.02 7.76 20.90
C HIS B 185 -30.37 8.44 19.58
N ARG B 186 -31.46 9.22 19.54
CA ARG B 186 -31.77 10.00 18.35
C ARG B 186 -30.72 11.08 18.07
N VAL B 187 -30.20 11.70 19.13
CA VAL B 187 -29.17 12.71 18.91
C VAL B 187 -27.89 12.03 18.41
N LEU B 188 -27.57 10.88 19.00
CA LEU B 188 -26.39 10.12 18.58
C LEU B 188 -26.51 9.75 17.11
N ASP B 189 -27.73 9.39 16.69
CA ASP B 189 -27.99 9.07 15.28
C ASP B 189 -27.74 10.27 14.39
N LYS B 190 -28.16 11.45 14.82
CA LYS B 190 -27.91 12.65 14.04
C LYS B 190 -26.39 12.91 13.95
N ILE B 191 -25.63 12.64 15.03
CA ILE B 191 -24.19 12.82 14.94
C ILE B 191 -23.57 11.78 14.00
N THR B 192 -24.08 10.55 14.02
CA THR B 192 -23.62 9.56 13.03
C THR B 192 -23.88 10.07 11.61
N ASP B 193 -25.10 10.54 11.35
CA ASP B 193 -25.42 11.15 10.03
C ASP B 193 -24.41 12.22 9.63
N THR B 194 -24.05 13.01 10.62
CA THR B 194 -23.16 14.14 10.40
C THR B 194 -21.74 13.69 10.02
N LEU B 195 -21.21 12.70 10.74
CA LEU B 195 -19.91 12.06 10.43
C LEU B 195 -19.86 11.54 9.01
N ILE B 196 -20.91 10.82 8.65
CA ILE B 196 -20.99 10.24 7.31
C ILE B 196 -21.04 11.37 6.27
N HIS B 197 -21.79 12.42 6.58
CA HIS B 197 -21.87 13.56 5.66
C HIS B 197 -20.51 14.23 5.47
N LEU B 198 -19.77 14.45 6.56
CA LEU B 198 -18.42 14.96 6.48
C LEU B 198 -17.53 14.10 5.59
N MET B 199 -17.65 12.79 5.74
CA MET B 199 -16.82 11.88 4.98
C MET B 199 -17.20 11.87 3.50
N ALA B 200 -18.49 11.92 3.21
CA ALA B 200 -18.99 11.99 1.83
C ALA B 200 -18.44 13.25 1.20
N LYS B 201 -18.47 14.35 1.95
CA LYS B 201 -18.02 15.64 1.43
C LYS B 201 -16.51 15.61 1.12
N ALA B 202 -15.75 14.87 1.91
CA ALA B 202 -14.31 14.79 1.70
C ALA B 202 -13.96 13.86 0.52
N GLY B 203 -14.99 13.29 -0.13
CA GLY B 203 -14.81 12.54 -1.36
C GLY B 203 -14.65 11.04 -1.17
N LEU B 204 -14.84 10.57 0.05
CA LEU B 204 -14.71 9.14 0.32
C LEU B 204 -15.86 8.38 -0.30
N THR B 205 -15.57 7.17 -0.74
CA THR B 205 -16.59 6.27 -1.29
C THR B 205 -17.48 5.77 -0.16
N LEU B 206 -18.67 5.27 -0.49
CA LEU B 206 -19.57 4.71 0.52
CA LEU B 206 -19.57 4.72 0.52
C LEU B 206 -18.87 3.67 1.39
N GLN B 207 -18.14 2.76 0.75
CA GLN B 207 -17.40 1.73 1.49
C GLN B 207 -16.38 2.34 2.46
N GLN B 208 -15.69 3.38 2.00
CA GLN B 208 -14.68 4.06 2.80
C GLN B 208 -15.33 4.83 3.93
N GLN B 209 -16.53 5.33 3.70
CA GLN B 209 -17.25 6.09 4.72
C GLN B 209 -17.58 5.17 5.88
N HIS B 210 -18.11 3.99 5.57
CA HIS B 210 -18.54 3.11 6.66
C HIS B 210 -17.31 2.58 7.37
N GLN B 211 -16.27 2.30 6.61
CA GLN B 211 -15.05 1.80 7.24
C GLN B 211 -14.47 2.85 8.18
N ARG B 212 -14.46 4.10 7.75
CA ARG B 212 -13.88 5.14 8.60
C ARG B 212 -14.74 5.43 9.81
N LEU B 213 -16.07 5.45 9.65
CA LEU B 213 -16.98 5.54 10.78
C LEU B 213 -16.62 4.49 11.81
N ALA B 214 -16.47 3.24 11.37
CA ALA B 214 -16.22 2.16 12.30
C ALA B 214 -14.86 2.37 12.97
N GLN B 215 -13.84 2.71 12.19
CA GLN B 215 -12.48 2.90 12.76
C GLN B 215 -12.51 3.97 13.87
N LEU B 216 -13.20 5.08 13.60
CA LEU B 216 -13.32 6.18 14.58
C LEU B 216 -14.07 5.73 15.84
N LEU B 217 -15.20 5.06 15.66
CA LEU B 217 -15.95 4.64 16.85
C LEU B 217 -15.21 3.59 17.70
N LEU B 218 -14.38 2.76 17.07
CA LEU B 218 -13.68 1.72 17.80
C LEU B 218 -12.57 2.32 18.64
N ILE B 219 -12.05 3.48 18.25
CA ILE B 219 -11.08 4.15 19.12
C ILE B 219 -11.76 4.56 20.45
N LEU B 220 -13.07 4.80 20.44
CA LEU B 220 -13.77 5.19 21.68
C LEU B 220 -13.69 4.09 22.75
N SER B 221 -13.64 2.83 22.33
CA SER B 221 -13.46 1.77 23.31
CA SER B 221 -13.41 1.71 23.25
C SER B 221 -12.11 1.86 24.00
N HIS B 222 -11.06 2.20 23.27
CA HIS B 222 -9.75 2.40 23.87
C HIS B 222 -9.79 3.63 24.81
N ILE B 223 -10.52 4.67 24.41
CA ILE B 223 -10.55 5.86 25.29
C ILE B 223 -11.31 5.52 26.58
N ARG B 224 -12.37 4.73 26.48
CA ARG B 224 -13.01 4.23 27.68
C ARG B 224 -12.01 3.48 28.56
N HIS B 225 -11.26 2.59 27.95
CA HIS B 225 -10.29 1.78 28.67
C HIS B 225 -9.33 2.72 29.42
N MET B 226 -8.81 3.71 28.72
CA MET B 226 -7.88 4.67 29.34
C MET B 226 -8.48 5.42 30.52
N SER B 227 -9.73 5.84 30.36
CA SER B 227 -10.46 6.47 31.47
C SER B 227 -10.57 5.57 32.70
N ASN B 228 -10.91 4.29 32.51
CA ASN B 228 -11.02 3.41 33.65
C ASN B 228 -9.68 3.23 34.35
N LYS B 229 -8.63 3.10 33.56
CA LYS B 229 -7.29 2.99 34.14
C LYS B 229 -6.93 4.25 34.94
N GLY B 230 -7.24 5.41 34.36
CA GLY B 230 -6.97 6.67 35.02
C GLY B 230 -7.84 6.85 36.26
N MET B 231 -9.08 6.42 36.20
CA MET B 231 -9.94 6.49 37.38
C MET B 231 -9.42 5.61 38.51
N GLU B 232 -8.85 4.44 38.16
CA GLU B 232 -8.30 3.56 39.19
C GLU B 232 -7.17 4.28 39.94
N HIS B 233 -6.43 5.09 39.20
CA HIS B 233 -5.32 5.87 39.75
C HIS B 233 -5.86 6.95 40.69
N LEU B 234 -6.81 7.74 40.20
CA LEU B 234 -7.32 8.87 40.98
C LEU B 234 -8.07 8.40 42.23
N TYR B 235 -8.83 7.31 42.13
CA TYR B 235 -9.55 6.81 43.29
C TYR B 235 -8.56 6.18 44.28
N SER B 236 -7.48 5.61 43.74
CA SER B 236 -6.39 5.03 44.54
C SER B 236 -5.92 6.00 45.64
N MET B 237 -5.98 7.29 45.37
CA MET B 237 -5.72 8.30 46.39
C MET B 237 -6.82 9.35 46.42
N PRO B 244 -18.92 14.17 46.79
CA PRO B 244 -18.96 13.35 45.58
C PRO B 244 -18.96 14.22 44.32
N LEU B 245 -18.39 13.72 43.23
CA LEU B 245 -18.27 14.51 42.00
C LEU B 245 -19.64 14.93 41.49
N SER B 246 -20.63 14.06 41.64
CA SER B 246 -21.96 14.36 41.10
C SER B 246 -22.55 15.63 41.76
N ASP B 247 -22.15 15.91 42.99
CA ASP B 247 -22.60 17.15 43.65
C ASP B 247 -21.97 18.40 43.00
N LEU B 248 -20.70 18.28 42.63
CA LEU B 248 -20.03 19.41 41.99
C LEU B 248 -20.62 19.59 40.60
N LEU B 249 -20.88 18.49 39.91
CA LEU B 249 -21.45 18.58 38.57
C LEU B 249 -22.81 19.25 38.57
N LEU B 250 -23.62 18.87 39.55
CA LEU B 250 -24.97 19.37 39.73
C LEU B 250 -24.91 20.87 40.00
N GLU B 251 -24.04 21.30 40.93
CA GLU B 251 -23.89 22.73 41.20
C GLU B 251 -23.49 23.47 39.93
N MET B 252 -22.59 22.90 39.14
CA MET B 252 -22.14 23.59 37.96
C MET B 252 -23.21 23.55 36.87
N LEU B 253 -23.94 22.44 36.76
CA LEU B 253 -24.94 22.31 35.72
C LEU B 253 -26.20 23.10 36.07
N ASP B 254 -26.61 23.09 37.34
CA ASP B 254 -27.92 23.69 37.76
C ASP B 254 -27.86 25.15 37.22
N ALA C 16 28.13 -24.80 -25.48
CA ALA C 16 27.74 -23.45 -25.02
C ALA C 16 26.84 -22.77 -26.04
N LEU C 17 27.39 -22.43 -27.19
CA LEU C 17 26.59 -22.28 -28.40
C LEU C 17 26.07 -23.66 -28.86
N SER C 18 26.52 -24.74 -28.20
CA SER C 18 26.07 -26.08 -28.57
C SER C 18 24.94 -26.60 -27.66
N LEU C 19 24.54 -25.80 -26.69
CA LEU C 19 23.50 -26.21 -25.75
C LEU C 19 22.14 -26.33 -26.43
N THR C 20 21.37 -27.35 -26.05
CA THR C 20 19.97 -27.42 -26.45
C THR C 20 19.15 -26.38 -25.67
N ALA C 21 17.91 -26.14 -26.10
CA ALA C 21 17.02 -25.24 -25.36
C ALA C 21 16.86 -25.70 -23.89
N ASP C 22 16.47 -26.96 -23.69
CA ASP C 22 16.33 -27.47 -22.34
C ASP C 22 17.61 -27.37 -21.51
N GLN C 23 18.76 -27.57 -22.14
CA GLN C 23 20.04 -27.42 -21.45
C GLN C 23 20.31 -25.94 -21.11
N MET C 24 19.90 -25.04 -22.00
CA MET C 24 20.01 -23.60 -21.71
C MET C 24 19.18 -23.30 -20.45
N VAL C 25 17.93 -23.78 -20.43
CA VAL C 25 17.02 -23.47 -19.32
C VAL C 25 17.54 -24.03 -17.98
N SER C 26 17.93 -25.31 -17.98
CA SER C 26 18.38 -25.87 -16.72
C SER C 26 19.68 -25.18 -16.27
N ALA C 27 20.55 -24.79 -17.22
CA ALA C 27 21.75 -24.01 -16.86
C ALA C 27 21.40 -22.71 -16.12
N LEU C 28 20.42 -21.99 -16.66
CA LEU C 28 20.04 -20.70 -16.08
C LEU C 28 19.35 -20.87 -14.73
N LEU C 29 18.50 -21.89 -14.61
CA LEU C 29 17.78 -22.08 -13.37
C LEU C 29 18.76 -22.46 -12.30
N ASP C 30 19.74 -23.31 -12.65
CA ASP C 30 20.75 -23.74 -11.71
C ASP C 30 21.62 -22.56 -11.26
N ALA C 31 21.77 -21.55 -12.10
CA ALA C 31 22.63 -20.40 -11.81
C ALA C 31 21.98 -19.36 -10.88
N GLU C 32 20.71 -19.57 -10.57
CA GLU C 32 19.96 -18.49 -9.92
C GLU C 32 20.60 -18.12 -8.58
N PRO C 33 20.72 -16.81 -8.32
CA PRO C 33 21.25 -16.37 -7.04
C PRO C 33 20.22 -16.54 -5.92
N PRO C 34 20.71 -16.50 -4.68
CA PRO C 34 19.83 -16.62 -3.53
C PRO C 34 19.05 -15.35 -3.28
N ILE C 35 17.98 -15.47 -2.52
CA ILE C 35 17.23 -14.30 -2.08
C ILE C 35 17.87 -13.87 -0.77
N LEU C 36 18.46 -12.68 -0.74
CA LEU C 36 19.07 -12.17 0.50
C LEU C 36 18.10 -11.45 1.44
N TYR C 37 18.53 -11.27 2.69
CA TYR C 37 17.73 -10.54 3.67
C TYR C 37 18.30 -9.17 3.90
N SER C 38 17.42 -8.22 4.21
CA SER C 38 17.85 -6.96 4.74
C SER C 38 18.52 -7.17 6.11
N GLU C 39 19.53 -6.33 6.33
N GLU C 39 19.47 -6.33 6.52
CA GLU C 39 20.28 -6.35 7.55
CA GLU C 39 20.29 -6.67 7.71
C GLU C 39 19.82 -5.23 8.42
C GLU C 39 19.88 -6.14 9.11
N TYR C 40 18.75 -5.48 9.18
CA TYR C 40 18.44 -4.65 10.34
C TYR C 40 17.99 -5.51 11.53
N ASP C 41 17.97 -4.88 12.69
CA ASP C 41 17.51 -5.52 13.91
C ASP C 41 15.97 -5.54 13.94
N PRO C 42 15.36 -6.72 13.83
CA PRO C 42 13.89 -6.75 13.69
C PRO C 42 13.23 -6.50 15.03
N THR C 43 13.97 -6.75 16.10
CA THR C 43 13.47 -6.48 17.44
C THR C 43 13.45 -4.98 17.71
N ARG C 44 14.05 -4.18 16.83
CA ARG C 44 14.11 -2.72 17.07
C ARG C 44 13.15 -1.95 16.18
N PRO C 45 12.83 -0.68 16.51
CA PRO C 45 12.08 0.10 15.51
C PRO C 45 12.92 0.48 14.30
N SER C 50 16.04 5.31 7.67
CA SER C 50 17.13 4.37 7.35
C SER C 50 16.90 3.62 6.03
N MET C 51 15.84 3.98 5.32
CA MET C 51 15.40 3.20 4.16
C MET C 51 16.45 3.06 3.06
N MET C 52 17.02 4.18 2.62
CA MET C 52 18.04 4.08 1.58
C MET C 52 19.27 3.30 2.04
N GLY C 53 19.61 3.43 3.32
CA GLY C 53 20.76 2.71 3.88
C GLY C 53 20.53 1.20 3.77
N LEU C 54 19.34 0.77 4.18
CA LEU C 54 18.96 -0.64 4.08
C LEU C 54 18.99 -1.15 2.64
N LEU C 55 18.40 -0.40 1.72
CA LEU C 55 18.35 -0.80 0.31
C LEU C 55 19.75 -0.86 -0.29
N THR C 56 20.59 0.13 0.04
CA THR C 56 21.99 0.15 -0.45
C THR C 56 22.83 -1.05 0.05
N ASN C 57 22.73 -1.34 1.35
CA ASN C 57 23.44 -2.51 1.91
C ASN C 57 22.99 -3.80 1.20
N LEU C 58 21.68 -3.95 1.00
CA LEU C 58 21.12 -5.13 0.35
C LEU C 58 21.67 -5.23 -1.06
N ALA C 59 21.61 -4.11 -1.76
CA ALA C 59 22.03 -4.10 -3.15
C ALA C 59 23.52 -4.44 -3.26
N ASP C 60 24.32 -3.87 -2.38
CA ASP C 60 25.76 -4.16 -2.41
C ASP C 60 26.03 -5.65 -2.17
N ARG C 61 25.29 -6.29 -1.26
CA ARG C 61 25.50 -7.72 -1.05
C ARG C 61 25.02 -8.55 -2.22
N GLU C 62 23.94 -8.10 -2.84
CA GLU C 62 23.41 -8.80 -3.97
C GLU C 62 24.37 -8.78 -5.11
N LEU C 63 25.04 -7.68 -5.27
CA LEU C 63 25.98 -7.54 -6.39
C LEU C 63 27.05 -8.64 -6.42
N VAL C 64 27.54 -9.05 -5.25
CA VAL C 64 28.54 -10.09 -5.20
C VAL C 64 27.98 -11.39 -5.78
N HIS C 65 26.74 -11.70 -5.40
CA HIS C 65 26.11 -12.92 -5.92
C HIS C 65 25.80 -12.76 -7.42
N MET C 66 25.50 -11.54 -7.86
CA MET C 66 25.23 -11.30 -9.28
C MET C 66 26.45 -11.67 -10.16
N ILE C 67 27.64 -11.36 -9.68
CA ILE C 67 28.86 -11.73 -10.43
C ILE C 67 28.99 -13.25 -10.54
N ASN C 68 28.68 -13.96 -9.47
CA ASN C 68 28.71 -15.43 -9.50
C ASN C 68 27.72 -15.97 -10.49
N TRP C 69 26.53 -15.39 -10.47
CA TRP C 69 25.48 -15.74 -11.40
C TRP C 69 25.95 -15.49 -12.82
N ALA C 70 26.45 -14.29 -13.09
CA ALA C 70 26.81 -13.95 -14.48
C ALA C 70 27.84 -14.92 -15.04
N LYS C 71 28.76 -15.37 -14.20
CA LYS C 71 29.79 -16.29 -14.66
C LYS C 71 29.20 -17.66 -15.02
N ARG C 72 27.99 -17.95 -14.52
CA ARG C 72 27.29 -19.17 -14.87
C ARG C 72 26.31 -19.04 -16.04
N VAL C 73 26.12 -17.83 -16.55
CA VAL C 73 25.29 -17.64 -17.74
C VAL C 73 26.12 -18.17 -18.93
N PRO C 74 25.61 -19.20 -19.63
CA PRO C 74 26.38 -19.81 -20.74
C PRO C 74 26.91 -18.77 -21.70
N GLY C 75 28.20 -18.84 -22.01
CA GLY C 75 28.74 -17.86 -22.92
C GLY C 75 29.43 -16.65 -22.30
N PHE C 76 29.05 -16.29 -21.08
CA PHE C 76 29.55 -15.04 -20.48
C PHE C 76 31.06 -15.12 -20.19
N VAL C 77 31.55 -16.23 -19.64
CA VAL C 77 33.00 -16.27 -19.34
C VAL C 77 33.85 -16.57 -20.56
N ASP C 78 33.21 -16.75 -21.72
CA ASP C 78 33.99 -16.81 -22.97
C ASP C 78 34.51 -15.44 -23.38
N LEU C 79 33.87 -14.39 -22.83
CA LEU C 79 34.20 -12.99 -23.12
C LEU C 79 35.48 -12.57 -22.40
N THR C 80 36.15 -11.52 -22.89
CA THR C 80 37.31 -10.94 -22.18
C THR C 80 36.82 -10.38 -20.83
N LEU C 81 37.75 -10.30 -19.89
N LEU C 81 37.72 -10.26 -19.86
CA LEU C 81 37.51 -9.68 -18.60
CA LEU C 81 37.32 -9.67 -18.58
C LEU C 81 36.96 -8.27 -18.79
C LEU C 81 36.91 -8.21 -18.78
N HIS C 82 37.58 -7.49 -19.69
CA HIS C 82 37.18 -6.14 -20.01
C HIS C 82 35.71 -6.10 -20.47
N ASP C 83 35.32 -7.01 -21.34
CA ASP C 83 33.94 -7.00 -21.83
C ASP C 83 32.94 -7.50 -20.76
N GLN C 84 33.34 -8.48 -19.92
CA GLN C 84 32.47 -8.91 -18.83
C GLN C 84 32.17 -7.73 -17.90
N VAL C 85 33.21 -6.96 -17.54
CA VAL C 85 33.07 -5.74 -16.72
C VAL C 85 32.14 -4.76 -17.43
N HIS C 86 32.32 -4.54 -18.74
CA HIS C 86 31.50 -3.56 -19.46
C HIS C 86 30.02 -3.99 -19.42
N LEU C 87 29.75 -5.27 -19.63
CA LEU C 87 28.36 -5.70 -19.66
C LEU C 87 27.75 -5.56 -18.26
N LEU C 88 28.48 -5.95 -17.23
CA LEU C 88 27.87 -5.84 -15.90
C LEU C 88 27.74 -4.37 -15.49
N GLU C 89 28.71 -3.52 -15.86
CA GLU C 89 28.57 -2.08 -15.54
C GLU C 89 27.32 -1.46 -16.18
N SER C 90 26.94 -1.94 -17.37
N SER C 90 26.97 -1.94 -17.36
CA SER C 90 25.76 -1.45 -18.08
CA SER C 90 25.79 -1.46 -18.04
C SER C 90 24.44 -2.08 -17.62
C SER C 90 24.52 -1.98 -17.36
N ALA C 91 24.51 -3.29 -17.09
CA ALA C 91 23.28 -4.03 -16.75
C ALA C 91 22.95 -4.17 -15.26
N TRP C 92 23.87 -3.86 -14.37
CA TRP C 92 23.70 -4.37 -12.97
C TRP C 92 22.42 -3.83 -12.31
N LEU C 93 22.05 -2.58 -12.58
CA LEU C 93 20.87 -2.05 -11.87
C LEU C 93 19.60 -2.62 -12.52
N GLU C 94 19.60 -2.76 -13.85
CA GLU C 94 18.49 -3.50 -14.50
C GLU C 94 18.31 -4.90 -13.92
N ILE C 95 19.44 -5.58 -13.66
N ILE C 95 19.43 -5.56 -13.66
CA ILE C 95 19.34 -6.94 -13.17
CA ILE C 95 19.39 -6.93 -13.13
C ILE C 95 18.78 -6.97 -11.74
C ILE C 95 18.79 -6.97 -11.74
N LEU C 96 19.20 -6.05 -10.88
CA LEU C 96 18.61 -5.93 -9.54
C LEU C 96 17.13 -5.65 -9.65
N MET C 97 16.80 -4.79 -10.61
CA MET C 97 15.39 -4.38 -10.71
C MET C 97 14.52 -5.52 -11.21
N ILE C 98 14.96 -6.25 -12.24
CA ILE C 98 14.07 -7.31 -12.72
C ILE C 98 13.93 -8.42 -11.63
N GLY C 99 14.99 -8.65 -10.84
CA GLY C 99 14.91 -9.60 -9.74
C GLY C 99 13.87 -9.17 -8.72
N LEU C 100 13.90 -7.88 -8.38
CA LEU C 100 12.95 -7.30 -7.44
C LEU C 100 11.53 -7.44 -7.94
N VAL C 101 11.31 -7.10 -9.21
CA VAL C 101 9.92 -7.14 -9.66
CA VAL C 101 9.97 -7.16 -9.81
C VAL C 101 9.42 -8.59 -9.78
N TRP C 102 10.31 -9.53 -10.08
CA TRP C 102 9.99 -10.96 -10.06
C TRP C 102 9.59 -11.39 -8.64
N ARG C 103 10.38 -11.00 -7.65
CA ARG C 103 10.05 -11.36 -6.28
C ARG C 103 8.75 -10.74 -5.83
N SER C 104 8.40 -9.58 -6.38
CA SER C 104 7.25 -8.80 -5.97
C SER C 104 5.96 -9.23 -6.69
N MET C 105 6.06 -10.16 -7.62
CA MET C 105 4.97 -10.45 -8.57
C MET C 105 3.67 -10.85 -7.87
N GLU C 106 3.78 -11.63 -6.80
CA GLU C 106 2.60 -12.13 -6.09
C GLU C 106 2.25 -11.26 -4.89
N HIS C 107 2.82 -10.06 -4.86
CA HIS C 107 2.52 -9.05 -3.86
C HIS C 107 2.01 -7.75 -4.47
N PRO C 108 0.76 -7.76 -4.97
CA PRO C 108 0.24 -6.56 -5.63
C PRO C 108 0.38 -5.34 -4.73
N GLY C 109 0.88 -4.24 -5.27
CA GLY C 109 1.00 -2.99 -4.54
C GLY C 109 2.22 -2.85 -3.63
N LYS C 110 3.02 -3.89 -3.55
CA LYS C 110 4.23 -3.84 -2.72
C LYS C 110 5.46 -4.36 -3.43
N LEU C 111 6.60 -4.01 -2.87
CA LEU C 111 7.87 -4.41 -3.47
C LEU C 111 8.64 -5.24 -2.43
N LEU C 112 8.96 -6.49 -2.78
CA LEU C 112 9.57 -7.42 -1.85
C LEU C 112 11.07 -7.23 -2.05
N PHE C 113 11.60 -6.19 -1.45
CA PHE C 113 13.07 -5.99 -1.52
C PHE C 113 13.78 -7.18 -0.91
N ALA C 114 13.22 -7.69 0.19
CA ALA C 114 13.77 -8.88 0.84
C ALA C 114 12.61 -9.52 1.59
N PRO C 115 12.74 -10.80 2.00
CA PRO C 115 11.58 -11.36 2.71
C PRO C 115 11.21 -10.60 3.96
N ASN C 116 12.18 -9.90 4.56
CA ASN C 116 11.95 -9.07 5.75
C ASN C 116 11.93 -7.59 5.43
N LEU C 117 11.63 -7.24 4.19
CA LEU C 117 11.62 -5.84 3.81
C LEU C 117 10.63 -5.71 2.67
N LEU C 118 9.35 -5.69 3.03
CA LEU C 118 8.27 -5.62 2.05
C LEU C 118 7.66 -4.25 2.21
N LEU C 119 7.76 -3.43 1.16
CA LEU C 119 7.38 -2.01 1.28
C LEU C 119 6.25 -1.63 0.32
N ASP C 120 5.30 -0.82 0.79
CA ASP C 120 4.34 -0.29 -0.19
C ASP C 120 4.79 1.10 -0.70
N ARG C 121 4.05 1.69 -1.64
CA ARG C 121 4.53 2.96 -2.19
C ARG C 121 4.54 4.10 -1.16
N ASN C 122 3.68 4.06 -0.17
CA ASN C 122 3.75 5.08 0.88
C ASN C 122 5.09 5.02 1.62
N GLN C 123 5.58 3.82 1.85
CA GLN C 123 6.88 3.64 2.50
C GLN C 123 8.00 4.14 1.60
N GLY C 124 7.83 4.02 0.29
CA GLY C 124 8.83 4.54 -0.64
C GLY C 124 8.95 6.06 -0.65
N LYS C 125 7.93 6.75 -0.16
CA LYS C 125 7.95 8.21 -0.05
C LYS C 125 9.07 8.73 0.86
N SER C 126 9.61 7.89 1.74
CA SER C 126 10.64 8.28 2.73
C SER C 126 11.79 9.12 2.16
N VAL C 127 12.12 8.84 0.91
CA VAL C 127 13.25 9.49 0.26
C VAL C 127 12.78 10.20 -0.99
N GLU C 128 13.14 11.48 -1.11
CA GLU C 128 12.78 12.27 -2.26
C GLU C 128 13.22 11.58 -3.55
N GLY C 129 12.34 11.63 -4.56
CA GLY C 129 12.53 11.02 -5.89
C GLY C 129 12.40 9.48 -5.91
N MET C 130 12.05 8.87 -4.80
CA MET C 130 11.95 7.41 -4.79
C MET C 130 10.56 6.88 -5.20
N VAL C 131 9.46 7.47 -4.71
CA VAL C 131 8.11 6.92 -5.03
C VAL C 131 7.89 6.79 -6.56
N GLU C 132 8.53 7.68 -7.32
CA GLU C 132 8.53 7.63 -8.79
C GLU C 132 9.09 6.31 -9.34
N ILE C 133 10.33 6.00 -8.95
CA ILE C 133 10.95 4.71 -9.26
C ILE C 133 10.07 3.59 -8.72
N PHE C 134 9.56 3.79 -7.53
CA PHE C 134 8.77 2.80 -6.84
C PHE C 134 7.52 2.42 -7.68
N ASP C 135 6.83 3.44 -8.16
CA ASP C 135 5.63 3.25 -8.97
C ASP C 135 5.97 2.51 -10.27
N MET C 136 7.08 2.87 -10.90
CA MET C 136 7.47 2.19 -12.13
C MET C 136 7.73 0.68 -11.85
N LEU C 137 8.39 0.37 -10.76
CA LEU C 137 8.68 -1.03 -10.43
C LEU C 137 7.37 -1.80 -10.19
N LEU C 138 6.45 -1.17 -9.47
CA LEU C 138 5.14 -1.79 -9.20
C LEU C 138 4.37 -2.09 -10.50
N ALA C 139 4.45 -1.17 -11.44
CA ALA C 139 3.78 -1.35 -12.73
C ALA C 139 4.40 -2.50 -13.50
N THR C 140 5.71 -2.69 -13.34
CA THR C 140 6.35 -3.78 -14.06
C THR C 140 5.89 -5.10 -13.45
N SER C 141 5.82 -5.17 -12.13
CA SER C 141 5.41 -6.42 -11.50
C SER C 141 3.95 -6.69 -11.88
N SER C 142 3.14 -5.64 -11.96
CA SER C 142 1.77 -5.85 -12.40
C SER C 142 1.71 -6.35 -13.87
N ARG C 143 2.58 -5.83 -14.73
CA ARG C 143 2.64 -6.29 -16.12
C ARG C 143 3.07 -7.76 -16.18
N PHE C 144 4.06 -8.15 -15.39
CA PHE C 144 4.44 -9.57 -15.26
C PHE C 144 3.24 -10.44 -14.80
N ARG C 145 2.46 -9.95 -13.83
CA ARG C 145 1.20 -10.60 -13.44
C ARG C 145 0.22 -10.72 -14.59
N MET C 146 -0.02 -9.62 -15.29
CA MET C 146 -0.91 -9.61 -16.45
C MET C 146 -0.46 -10.73 -17.41
N MET C 147 0.84 -10.86 -17.62
CA MET C 147 1.32 -11.82 -18.60
C MET C 147 1.51 -13.22 -18.03
N ASN C 148 1.34 -13.40 -16.72
CA ASN C 148 1.61 -14.71 -16.10
C ASN C 148 3.03 -15.18 -16.45
N LEU C 149 3.99 -14.27 -16.27
CA LEU C 149 5.40 -14.62 -16.52
C LEU C 149 5.82 -15.88 -15.79
N GLN C 150 6.47 -16.80 -16.50
CA GLN C 150 6.94 -18.03 -15.86
C GLN C 150 8.41 -17.90 -15.43
N GLY C 151 8.81 -18.71 -14.46
CA GLY C 151 10.16 -18.69 -13.94
C GLY C 151 11.19 -18.96 -15.05
N GLU C 152 10.90 -19.92 -15.94
CA GLU C 152 11.86 -20.23 -17.01
C GLU C 152 11.99 -19.04 -17.97
N GLU C 153 10.89 -18.33 -18.22
CA GLU C 153 10.96 -17.09 -19.02
C GLU C 153 11.75 -15.99 -18.30
N PHE C 154 11.51 -15.82 -17.00
CA PHE C 154 12.20 -14.81 -16.20
C PHE C 154 13.75 -14.99 -16.31
N VAL C 155 14.25 -16.22 -16.17
CA VAL C 155 15.72 -16.36 -16.16
C VAL C 155 16.28 -16.07 -17.56
N CYS C 156 15.54 -16.39 -18.62
CA CYS C 156 15.92 -16.03 -19.98
C CYS C 156 16.01 -14.53 -20.11
N LEU C 157 15.00 -13.81 -19.61
CA LEU C 157 14.96 -12.37 -19.77
C LEU C 157 16.11 -11.72 -19.03
N LYS C 158 16.39 -12.20 -17.84
CA LYS C 158 17.45 -11.62 -17.04
C LYS C 158 18.83 -11.79 -17.72
N SER C 159 19.03 -12.97 -18.31
CA SER C 159 20.24 -13.25 -19.09
C SER C 159 20.35 -12.39 -20.32
N ILE C 160 19.22 -12.19 -21.00
CA ILE C 160 19.21 -11.25 -22.12
C ILE C 160 19.64 -9.85 -21.68
N ILE C 161 19.10 -9.34 -20.57
CA ILE C 161 19.58 -8.03 -20.07
C ILE C 161 21.13 -8.01 -19.93
N LEU C 162 21.67 -9.04 -19.26
CA LEU C 162 23.11 -9.09 -19.02
C LEU C 162 23.91 -8.99 -20.34
N LEU C 163 23.50 -9.75 -21.35
CA LEU C 163 24.23 -9.75 -22.62
C LEU C 163 23.91 -8.55 -23.54
N ASN C 164 22.72 -7.98 -23.46
CA ASN C 164 22.29 -6.97 -24.42
C ASN C 164 22.59 -5.55 -24.02
N SER C 165 22.52 -5.27 -22.71
CA SER C 165 22.44 -3.85 -22.32
C SER C 165 23.69 -3.06 -22.69
N GLY C 166 24.85 -3.70 -22.56
CA GLY C 166 26.09 -3.01 -22.92
C GLY C 166 26.66 -3.33 -24.31
N VAL C 167 25.96 -4.11 -25.11
CA VAL C 167 26.55 -4.61 -26.36
C VAL C 167 26.55 -3.57 -27.50
N TYR C 168 25.86 -2.44 -27.34
CA TYR C 168 25.90 -1.38 -28.37
C TYR C 168 26.87 -0.28 -27.95
N THR C 169 27.51 -0.44 -26.79
CA THR C 169 28.35 0.64 -26.27
C THR C 169 29.79 0.19 -25.98
N PHE C 170 30.22 -0.89 -26.63
CA PHE C 170 31.63 -1.18 -26.77
C PHE C 170 32.20 -0.16 -27.74
N LEU C 171 32.83 0.87 -27.20
CA LEU C 171 33.41 1.89 -28.06
C LEU C 171 34.74 1.34 -28.57
N SER C 172 34.65 0.28 -29.36
CA SER C 172 35.83 -0.45 -29.83
C SER C 172 35.52 -1.29 -31.04
N SER C 173 36.44 -1.27 -31.98
CA SER C 173 36.26 -1.94 -33.24
C SER C 173 37.51 -2.77 -33.57
N THR C 174 38.26 -3.16 -32.54
CA THR C 174 39.35 -4.13 -32.71
C THR C 174 38.78 -5.43 -33.25
N LEU C 175 39.62 -6.23 -33.89
CA LEU C 175 39.15 -7.50 -34.44
C LEU C 175 38.53 -8.32 -33.31
N LYS C 176 39.15 -8.25 -32.13
CA LYS C 176 38.68 -8.98 -30.97
C LYS C 176 37.27 -8.48 -30.61
N SER C 177 37.03 -7.16 -30.74
CA SER C 177 35.73 -6.62 -30.36
C SER C 177 34.65 -7.11 -31.32
N LEU C 178 34.98 -7.19 -32.60
CA LEU C 178 34.05 -7.73 -33.58
C LEU C 178 33.69 -9.18 -33.22
N GLU C 179 34.70 -9.95 -32.83
CA GLU C 179 34.49 -11.33 -32.44
C GLU C 179 33.64 -11.42 -31.17
N GLU C 180 33.93 -10.55 -30.20
CA GLU C 180 33.18 -10.50 -28.94
C GLU C 180 31.71 -10.22 -29.20
N LYS C 181 31.43 -9.22 -30.04
CA LYS C 181 30.04 -8.82 -30.29
C LYS C 181 29.29 -9.93 -31.05
N ASP C 182 29.97 -10.56 -31.97
CA ASP C 182 29.37 -11.67 -32.65
C ASP C 182 28.99 -12.81 -31.73
N HIS C 183 29.89 -13.15 -30.86
CA HIS C 183 29.60 -14.18 -29.90
C HIS C 183 28.39 -13.80 -29.02
N ILE C 184 28.37 -12.55 -28.55
CA ILE C 184 27.26 -12.09 -27.70
C ILE C 184 25.95 -12.23 -28.46
N HIS C 185 25.92 -11.79 -29.71
CA HIS C 185 24.66 -11.90 -30.46
C HIS C 185 24.28 -13.36 -30.74
N ARG C 186 25.28 -14.23 -30.92
CA ARG C 186 24.98 -15.67 -31.11
C ARG C 186 24.38 -16.27 -29.83
N VAL C 187 24.89 -15.86 -28.68
CA VAL C 187 24.33 -16.37 -27.42
C VAL C 187 22.92 -15.81 -27.24
N LEU C 188 22.73 -14.52 -27.51
CA LEU C 188 21.39 -13.93 -27.43
C LEU C 188 20.43 -14.66 -28.35
N ASP C 189 20.91 -15.05 -29.53
CA ASP C 189 20.07 -15.81 -30.45
C ASP C 189 19.66 -17.15 -29.86
N LYS C 190 20.58 -17.85 -29.18
CA LYS C 190 20.25 -19.11 -28.54
CA LYS C 190 20.24 -19.10 -28.55
C LYS C 190 19.20 -18.89 -27.44
N ILE C 191 19.28 -17.77 -26.72
CA ILE C 191 18.26 -17.52 -25.69
C ILE C 191 16.91 -17.22 -26.34
N THR C 192 16.91 -16.53 -27.48
CA THR C 192 15.65 -16.31 -28.19
C THR C 192 15.05 -17.68 -28.56
N ASP C 193 15.87 -18.56 -29.16
CA ASP C 193 15.43 -19.93 -29.51
C ASP C 193 14.80 -20.65 -28.31
N THR C 194 15.48 -20.50 -27.19
CA THR C 194 15.06 -21.11 -25.93
C THR C 194 13.68 -20.56 -25.46
N LEU C 195 13.50 -19.25 -25.51
CA LEU C 195 12.20 -18.64 -25.13
C LEU C 195 11.09 -19.21 -26.00
N ILE C 196 11.34 -19.25 -27.31
CA ILE C 196 10.37 -19.74 -28.26
C ILE C 196 10.04 -21.19 -28.00
N HIS C 197 11.07 -21.97 -27.72
CA HIS C 197 10.86 -23.38 -27.37
C HIS C 197 9.97 -23.56 -26.12
N LEU C 198 10.19 -22.74 -25.09
CA LEU C 198 9.38 -22.78 -23.88
C LEU C 198 7.91 -22.43 -24.16
N MET C 199 7.68 -21.47 -25.05
CA MET C 199 6.31 -21.09 -25.37
C MET C 199 5.64 -22.15 -26.25
N ALA C 200 6.40 -22.78 -27.16
CA ALA C 200 5.89 -23.87 -27.99
C ALA C 200 5.56 -25.07 -27.11
N LYS C 201 6.38 -25.32 -26.09
CA LYS C 201 6.13 -26.44 -25.20
C LYS C 201 4.94 -26.17 -24.29
N ALA C 202 4.61 -24.90 -24.07
CA ALA C 202 3.46 -24.53 -23.24
C ALA C 202 2.14 -24.49 -24.03
N GLY C 203 2.21 -24.84 -25.32
CA GLY C 203 1.04 -24.98 -26.14
C GLY C 203 0.63 -23.77 -26.96
N LEU C 204 1.43 -22.71 -26.92
CA LEU C 204 1.06 -21.52 -27.67
C LEU C 204 1.22 -21.79 -29.16
N THR C 205 0.36 -21.15 -29.94
CA THR C 205 0.53 -21.23 -31.39
C THR C 205 1.74 -20.42 -31.81
N LEU C 206 2.21 -20.65 -33.04
CA LEU C 206 3.32 -19.86 -33.58
C LEU C 206 3.01 -18.37 -33.50
N GLN C 207 1.79 -18.00 -33.88
CA GLN C 207 1.42 -16.57 -33.79
C GLN C 207 1.56 -16.03 -32.37
N GLN C 208 1.06 -16.79 -31.39
CA GLN C 208 1.14 -16.40 -29.98
C GLN C 208 2.57 -16.41 -29.50
N GLN C 209 3.39 -17.32 -30.03
CA GLN C 209 4.78 -17.41 -29.61
C GLN C 209 5.48 -16.11 -29.93
N HIS C 210 5.33 -15.66 -31.16
CA HIS C 210 6.07 -14.48 -31.56
C HIS C 210 5.47 -13.27 -30.86
N GLN C 211 4.16 -13.25 -30.68
CA GLN C 211 3.57 -12.11 -29.94
C GLN C 211 4.10 -12.00 -28.50
N ARG C 212 4.20 -13.13 -27.83
CA ARG C 212 4.65 -13.14 -26.42
C ARG C 212 6.15 -12.83 -26.30
N LEU C 213 6.93 -13.32 -27.25
CA LEU C 213 8.32 -12.98 -27.33
C LEU C 213 8.44 -11.46 -27.38
N ALA C 214 7.68 -10.84 -28.28
CA ALA C 214 7.78 -9.41 -28.45
C ALA C 214 7.36 -8.70 -27.18
N GLN C 215 6.24 -9.17 -26.58
CA GLN C 215 5.70 -8.52 -25.36
C GLN C 215 6.79 -8.56 -24.27
N LEU C 216 7.43 -9.70 -24.12
CA LEU C 216 8.48 -9.84 -23.08
C LEU C 216 9.69 -8.91 -23.34
N LEU C 217 10.18 -8.91 -24.58
CA LEU C 217 11.33 -8.07 -24.87
C LEU C 217 11.03 -6.59 -24.78
N LEU C 218 9.79 -6.20 -25.07
CA LEU C 218 9.48 -4.78 -25.02
C LEU C 218 9.46 -4.30 -23.57
N ILE C 219 9.18 -5.20 -22.62
CA ILE C 219 9.27 -4.79 -21.21
C ILE C 219 10.69 -4.42 -20.84
N LEU C 220 11.68 -4.99 -21.53
CA LEU C 220 13.07 -4.68 -21.22
C LEU C 220 13.42 -3.19 -21.47
N SER C 221 12.72 -2.54 -22.40
N SER C 221 12.71 -2.57 -22.41
CA SER C 221 12.92 -1.10 -22.58
CA SER C 221 12.85 -1.13 -22.63
C SER C 221 12.45 -0.31 -21.37
C SER C 221 12.45 -0.33 -21.40
N HIS C 222 11.35 -0.74 -20.77
CA HIS C 222 10.89 -0.08 -19.57
C HIS C 222 11.90 -0.32 -18.43
N ILE C 223 12.46 -1.52 -18.39
CA ILE C 223 13.42 -1.79 -17.31
C ILE C 223 14.69 -0.95 -17.48
N ARG C 224 15.15 -0.77 -18.72
CA ARG C 224 16.20 0.15 -19.00
C ARG C 224 15.86 1.56 -18.52
N HIS C 225 14.67 2.01 -18.88
CA HIS C 225 14.22 3.32 -18.46
C HIS C 225 14.31 3.46 -16.92
N MET C 226 13.78 2.47 -16.20
CA MET C 226 13.84 2.50 -14.72
C MET C 226 15.28 2.55 -14.20
N SER C 227 16.16 1.80 -14.84
CA SER C 227 17.57 1.81 -14.42
C SER C 227 18.16 3.21 -14.61
N ASN C 228 17.87 3.86 -15.74
CA ASN C 228 18.41 5.21 -15.94
C ASN C 228 17.87 6.16 -14.90
N LYS C 229 16.58 6.06 -14.61
CA LYS C 229 16.02 6.94 -13.56
C LYS C 229 16.68 6.68 -12.20
N GLY C 230 16.97 5.42 -11.89
CA GLY C 230 17.54 5.07 -10.60
C GLY C 230 18.99 5.51 -10.55
N MET C 231 19.72 5.34 -11.66
CA MET C 231 21.10 5.81 -11.71
C MET C 231 21.21 7.31 -11.54
N GLU C 232 20.22 8.02 -12.07
CA GLU C 232 20.21 9.48 -11.94
C GLU C 232 20.14 9.82 -10.45
N HIS C 233 19.34 9.05 -9.72
CA HIS C 233 19.21 9.19 -8.26
C HIS C 233 20.48 8.85 -7.47
N LEU C 234 21.09 7.71 -7.79
CA LEU C 234 22.32 7.28 -7.12
C LEU C 234 23.51 8.16 -7.45
N TYR C 235 23.54 8.68 -8.68
CA TYR C 235 24.59 9.61 -9.11
C TYR C 235 24.41 10.95 -8.41
N SER C 236 23.15 11.27 -8.08
CA SER C 236 22.82 12.45 -7.27
C SER C 236 23.53 12.50 -5.91
N MET C 237 24.15 11.40 -5.50
CA MET C 237 24.92 11.38 -4.24
C MET C 237 26.43 11.37 -4.51
N PRO C 244 35.84 3.92 -9.13
CA PRO C 244 34.75 3.56 -10.02
C PRO C 244 34.23 2.15 -9.82
N LEU C 245 32.96 1.98 -10.08
CA LEU C 245 32.32 0.69 -10.06
C LEU C 245 33.03 -0.32 -10.94
N SER C 246 33.60 0.14 -12.04
CA SER C 246 34.28 -0.79 -12.96
C SER C 246 35.47 -1.46 -12.27
N ASP C 247 36.10 -0.78 -11.32
CA ASP C 247 37.22 -1.41 -10.60
C ASP C 247 36.71 -2.47 -9.61
N LEU C 248 35.57 -2.20 -8.99
CA LEU C 248 35.02 -3.18 -8.09
C LEU C 248 34.58 -4.41 -8.88
N LEU C 249 33.95 -4.19 -10.04
CA LEU C 249 33.49 -5.30 -10.86
C LEU C 249 34.65 -6.17 -11.32
N LEU C 250 35.73 -5.48 -11.71
CA LEU C 250 36.96 -6.08 -12.20
C LEU C 250 37.56 -6.93 -11.08
N GLU C 251 37.63 -6.38 -9.87
CA GLU C 251 38.14 -7.16 -8.74
C GLU C 251 37.31 -8.44 -8.49
N MET C 252 35.98 -8.32 -8.57
CA MET C 252 35.13 -9.47 -8.30
C MET C 252 35.15 -10.46 -9.47
N LEU C 253 35.25 -9.95 -10.69
CA LEU C 253 35.28 -10.80 -11.86
C LEU C 253 36.67 -11.45 -12.06
N ASP C 254 37.74 -10.68 -11.86
CA ASP C 254 39.14 -11.12 -12.14
C ASP C 254 39.57 -12.08 -11.04
N ALA C 255 38.90 -13.22 -10.95
CA ALA C 255 39.25 -14.14 -9.88
C ALA C 255 40.49 -14.97 -10.17
N HIS C 256 41.17 -15.40 -9.12
CA HIS C 256 42.19 -16.42 -9.38
C HIS C 256 41.47 -17.80 -9.43
N ARG C 257 42.26 -18.87 -9.53
CA ARG C 257 41.70 -20.22 -9.54
C ARG C 257 42.22 -20.96 -8.33
N LEU C 258 42.48 -20.20 -7.27
CA LEU C 258 43.19 -20.73 -6.12
C LEU C 258 42.28 -21.38 -5.07
N HIS C 259 40.99 -21.49 -5.40
CA HIS C 259 40.02 -22.12 -4.51
C HIS C 259 39.43 -23.39 -5.14
N ALA D 16 -8.82 -1.54 -38.34
CA ALA D 16 -7.75 -1.07 -37.45
C ALA D 16 -6.97 -2.26 -36.87
N LEU D 17 -7.58 -2.96 -35.93
CA LEU D 17 -7.15 -4.32 -35.65
C LEU D 17 -7.55 -5.23 -36.83
N SER D 18 -8.34 -4.68 -37.77
CA SER D 18 -8.81 -5.41 -38.96
C SER D 18 -7.75 -5.52 -40.06
N LEU D 19 -6.72 -4.70 -39.97
CA LEU D 19 -5.72 -4.62 -41.03
C LEU D 19 -4.95 -5.89 -41.22
N THR D 20 -4.75 -6.26 -42.48
CA THR D 20 -3.78 -7.29 -42.82
C THR D 20 -2.36 -6.74 -42.62
N ALA D 21 -1.38 -7.64 -42.67
CA ALA D 21 0.03 -7.26 -42.57
C ALA D 21 0.43 -6.28 -43.67
N ASP D 22 0.04 -6.59 -44.91
CA ASP D 22 0.37 -5.68 -46.01
C ASP D 22 -0.33 -4.33 -45.87
N GLN D 23 -1.55 -4.32 -45.34
CA GLN D 23 -2.28 -3.07 -45.15
C GLN D 23 -1.64 -2.26 -44.02
N MET D 24 -1.10 -2.95 -43.02
CA MET D 24 -0.39 -2.25 -41.97
C MET D 24 0.87 -1.58 -42.53
N VAL D 25 1.66 -2.34 -43.30
CA VAL D 25 2.91 -1.80 -43.84
C VAL D 25 2.63 -0.57 -44.75
N SER D 26 1.65 -0.71 -45.64
CA SER D 26 1.28 0.39 -46.52
C SER D 26 0.88 1.61 -45.73
N ALA D 27 0.01 1.41 -44.74
CA ALA D 27 -0.41 2.50 -43.87
C ALA D 27 0.78 3.24 -43.24
N LEU D 28 1.72 2.49 -42.66
CA LEU D 28 2.91 3.10 -42.05
C LEU D 28 3.83 3.80 -43.07
N LEU D 29 4.04 3.20 -44.22
CA LEU D 29 4.90 3.79 -45.25
C LEU D 29 4.27 5.09 -45.71
N ASP D 30 2.95 5.06 -45.88
CA ASP D 30 2.20 6.24 -46.32
C ASP D 30 2.31 7.37 -45.29
N ALA D 31 2.42 7.00 -44.02
CA ALA D 31 2.41 7.96 -42.92
C ALA D 31 3.76 8.68 -42.70
N GLU D 32 4.80 8.24 -43.40
CA GLU D 32 6.14 8.75 -43.06
C GLU D 32 6.25 10.27 -43.18
N PRO D 33 6.86 10.91 -42.17
CA PRO D 33 7.06 12.35 -42.23
C PRO D 33 8.13 12.73 -43.24
N PRO D 34 8.14 13.99 -43.66
CA PRO D 34 9.17 14.42 -44.58
C PRO D 34 10.50 14.55 -43.88
N ILE D 35 11.53 14.66 -44.69
CA ILE D 35 12.86 14.92 -44.20
C ILE D 35 13.06 16.43 -44.24
N LEU D 36 13.21 17.05 -43.07
CA LEU D 36 13.40 18.50 -42.99
C LEU D 36 14.84 18.97 -43.12
N TYR D 37 14.99 20.26 -43.41
CA TYR D 37 16.30 20.90 -43.54
C TYR D 37 16.62 21.72 -42.33
N SER D 38 17.90 21.82 -42.00
CA SER D 38 18.32 22.74 -40.98
C SER D 38 18.13 24.17 -41.49
N GLU D 39 17.77 25.11 -40.65
CA GLU D 39 17.63 26.42 -41.28
C GLU D 39 18.74 27.30 -40.77
N TYR D 40 19.66 27.54 -41.70
CA TYR D 40 20.80 28.43 -41.52
C TYR D 40 21.17 28.91 -42.94
N ASP D 41 21.82 30.06 -43.05
CA ASP D 41 22.16 30.54 -44.37
C ASP D 41 23.45 29.83 -44.82
N PRO D 42 23.36 29.06 -45.90
CA PRO D 42 24.49 28.22 -46.35
C PRO D 42 25.56 29.07 -46.98
N THR D 43 25.19 30.28 -47.36
CA THR D 43 26.15 31.22 -47.93
C THR D 43 27.01 31.88 -46.85
N ARG D 44 26.82 31.53 -45.57
CA ARG D 44 27.59 32.19 -44.50
C ARG D 44 28.47 31.22 -43.74
N PRO D 45 29.51 31.73 -43.02
CA PRO D 45 30.38 30.88 -42.19
C PRO D 45 29.61 29.92 -41.31
N PHE D 46 30.10 28.68 -41.21
CA PHE D 46 29.52 27.70 -40.33
C PHE D 46 30.13 27.88 -38.94
N SER D 47 29.31 27.72 -37.90
CA SER D 47 29.77 27.91 -36.53
C SER D 47 29.36 26.74 -35.63
N SER D 50 25.27 28.21 -34.06
CA SER D 50 25.24 27.46 -32.80
C SER D 50 24.73 26.08 -33.10
N MET D 51 25.57 25.06 -32.95
CA MET D 51 25.09 23.72 -33.30
C MET D 51 23.86 23.32 -32.49
N MET D 52 23.88 23.54 -31.18
CA MET D 52 22.69 23.16 -30.39
C MET D 52 21.45 23.95 -30.85
N GLY D 53 21.65 25.21 -31.23
CA GLY D 53 20.55 26.03 -31.73
C GLY D 53 19.94 25.46 -32.99
N LEU D 54 20.82 25.08 -33.93
CA LEU D 54 20.36 24.45 -35.17
C LEU D 54 19.61 23.12 -34.91
N LEU D 55 20.17 22.28 -34.04
CA LEU D 55 19.55 20.99 -33.71
C LEU D 55 18.20 21.18 -33.03
N THR D 56 18.14 22.14 -32.12
CA THR D 56 16.88 22.44 -31.41
C THR D 56 15.77 22.92 -32.36
N ASN D 57 16.11 23.86 -33.24
CA ASN D 57 15.15 24.40 -34.23
C ASN D 57 14.61 23.29 -35.13
N LEU D 58 15.48 22.42 -35.54
CA LEU D 58 15.14 21.33 -36.40
C LEU D 58 14.19 20.39 -35.67
N ALA D 59 14.61 20.02 -34.47
CA ALA D 59 13.80 19.08 -33.68
C ALA D 59 12.38 19.63 -33.44
N ASP D 60 12.31 20.89 -33.08
CA ASP D 60 11.03 21.54 -32.89
C ASP D 60 10.13 21.50 -34.15
N ARG D 61 10.72 21.73 -35.31
CA ARG D 61 9.95 21.68 -36.53
C ARG D 61 9.50 20.23 -36.78
N GLU D 62 10.40 19.30 -36.47
CA GLU D 62 10.11 17.90 -36.69
C GLU D 62 8.97 17.44 -35.85
N LEU D 63 8.93 17.94 -34.66
CA LEU D 63 7.90 17.52 -33.70
C LEU D 63 6.49 17.76 -34.26
N VAL D 64 6.29 18.85 -35.01
CA VAL D 64 4.96 19.12 -35.53
C VAL D 64 4.55 18.01 -36.50
N HIS D 65 5.49 17.62 -37.38
CA HIS D 65 5.23 16.57 -38.35
C HIS D 65 5.09 15.23 -37.64
N MET D 66 5.78 15.07 -36.51
CA MET D 66 5.64 13.82 -35.76
C MET D 66 4.20 13.60 -35.27
N ILE D 67 3.55 14.67 -34.81
CA ILE D 67 2.12 14.58 -34.42
C ILE D 67 1.27 14.09 -35.57
N ASN D 68 1.50 14.64 -36.74
CA ASN D 68 0.75 14.25 -37.92
C ASN D 68 0.95 12.81 -38.24
N TRP D 69 2.21 12.38 -38.18
CA TRP D 69 2.54 10.99 -38.38
C TRP D 69 1.84 10.09 -37.36
N ALA D 70 1.91 10.47 -36.08
CA ALA D 70 1.36 9.59 -35.05
C ALA D 70 -0.15 9.37 -35.24
N LYS D 71 -0.84 10.43 -35.68
CA LYS D 71 -2.28 10.31 -35.86
C LYS D 71 -2.60 9.37 -37.01
N ARG D 72 -1.61 9.07 -37.85
CA ARG D 72 -1.80 8.13 -38.94
C ARG D 72 -1.32 6.69 -38.68
N VAL D 73 -0.74 6.45 -37.51
CA VAL D 73 -0.32 5.11 -37.10
C VAL D 73 -1.61 4.39 -36.71
N PRO D 74 -1.91 3.27 -37.38
CA PRO D 74 -3.20 2.61 -37.10
C PRO D 74 -3.45 2.39 -35.62
N GLY D 75 -4.61 2.81 -35.11
CA GLY D 75 -4.90 2.60 -33.70
C GLY D 75 -4.62 3.75 -32.75
N PHE D 76 -3.72 4.65 -33.13
CA PHE D 76 -3.31 5.70 -32.20
C PHE D 76 -4.48 6.67 -31.92
N VAL D 77 -5.26 7.05 -32.93
CA VAL D 77 -6.34 8.03 -32.68
C VAL D 77 -7.57 7.38 -32.08
N ASP D 78 -7.52 6.07 -31.89
CA ASP D 78 -8.60 5.39 -31.15
C ASP D 78 -8.45 5.63 -29.65
N LEU D 79 -7.27 6.08 -29.22
CA LEU D 79 -6.94 6.30 -27.80
C LEU D 79 -7.48 7.67 -27.36
N THR D 80 -7.70 7.87 -26.05
CA THR D 80 -8.05 9.21 -25.55
C THR D 80 -6.94 10.22 -25.88
N LEU D 81 -7.30 11.51 -25.96
N LEU D 81 -7.34 11.48 -25.96
CA LEU D 81 -6.29 12.53 -26.20
CA LEU D 81 -6.40 12.58 -26.14
C LEU D 81 -5.28 12.56 -25.06
C LEU D 81 -5.32 12.55 -25.07
N HIS D 82 -5.73 12.29 -23.83
CA HIS D 82 -4.83 12.23 -22.70
C HIS D 82 -3.79 11.12 -22.91
N ASP D 83 -4.26 9.98 -23.40
CA ASP D 83 -3.30 8.89 -23.60
C ASP D 83 -2.39 9.14 -24.82
N GLN D 84 -2.91 9.75 -25.90
CA GLN D 84 -2.06 10.15 -27.03
C GLN D 84 -0.94 11.08 -26.56
N VAL D 85 -1.27 12.06 -25.72
CA VAL D 85 -0.26 12.96 -25.16
C VAL D 85 0.77 12.18 -24.35
N HIS D 86 0.27 11.26 -23.50
CA HIS D 86 1.18 10.52 -22.63
C HIS D 86 2.13 9.69 -23.49
N LEU D 87 1.62 9.03 -24.53
CA LEU D 87 2.52 8.21 -25.34
C LEU D 87 3.54 9.06 -26.05
N LEU D 88 3.10 10.20 -26.62
CA LEU D 88 4.09 11.04 -27.32
C LEU D 88 5.07 11.69 -26.36
N GLU D 89 4.61 12.13 -25.19
CA GLU D 89 5.54 12.69 -24.18
C GLU D 89 6.65 11.68 -23.78
N SER D 90 6.28 10.40 -23.73
N SER D 90 6.30 10.39 -23.73
CA SER D 90 7.23 9.38 -23.37
CA SER D 90 7.26 9.32 -23.37
C SER D 90 8.20 9.16 -24.54
C SER D 90 8.18 8.99 -24.53
N ALA D 91 7.64 9.07 -25.74
CA ALA D 91 8.40 8.58 -26.91
C ALA D 91 9.07 9.56 -27.85
N TRP D 92 8.79 10.86 -27.74
CA TRP D 92 9.14 11.77 -28.86
C TRP D 92 10.65 11.81 -29.14
N LEU D 93 11.49 11.71 -28.11
CA LEU D 93 12.94 11.87 -28.38
C LEU D 93 13.46 10.55 -28.96
N GLU D 94 12.98 9.42 -28.42
CA GLU D 94 13.25 8.13 -29.09
C GLU D 94 12.89 8.14 -30.58
N ILE D 95 11.74 8.72 -30.91
CA ILE D 95 11.29 8.73 -32.28
C ILE D 95 12.19 9.62 -33.14
N LEU D 96 12.56 10.79 -32.65
CA LEU D 96 13.52 11.63 -33.38
C LEU D 96 14.82 10.88 -33.57
N MET D 97 15.25 10.17 -32.52
CA MET D 97 16.53 9.48 -32.62
C MET D 97 16.50 8.30 -33.58
N ILE D 98 15.46 7.46 -33.56
CA ILE D 98 15.45 6.36 -34.50
C ILE D 98 15.36 6.89 -35.96
N GLY D 99 14.68 8.01 -36.15
CA GLY D 99 14.63 8.64 -37.45
C GLY D 99 16.02 9.07 -37.90
N LEU D 100 16.73 9.72 -37.00
CA LEU D 100 18.11 10.16 -37.29
C LEU D 100 19.03 9.01 -37.65
N VAL D 101 18.93 7.93 -36.85
CA VAL D 101 19.80 6.76 -37.06
C VAL D 101 19.52 6.16 -38.43
N TRP D 102 18.25 6.07 -38.79
CA TRP D 102 17.81 5.56 -40.09
C TRP D 102 18.33 6.44 -41.25
N ARG D 103 18.21 7.76 -41.11
CA ARG D 103 18.78 8.66 -42.11
C ARG D 103 20.29 8.50 -42.25
N SER D 104 20.98 8.19 -41.15
CA SER D 104 22.44 8.15 -41.11
C SER D 104 23.00 6.80 -41.56
N MET D 105 22.14 5.84 -41.82
CA MET D 105 22.57 4.45 -41.99
C MET D 105 23.62 4.27 -43.08
N GLU D 106 23.48 4.98 -44.20
CA GLU D 106 24.42 4.85 -45.32
C GLU D 106 25.48 5.93 -45.29
N HIS D 107 25.69 6.53 -44.12
CA HIS D 107 26.76 7.49 -43.91
C HIS D 107 27.61 7.08 -42.71
N PRO D 108 28.46 6.05 -42.90
CA PRO D 108 29.25 5.57 -41.76
C PRO D 108 30.05 6.70 -41.11
N GLY D 109 30.00 6.75 -39.78
CA GLY D 109 30.75 7.71 -38.98
C GLY D 109 30.15 9.10 -38.91
N LYS D 110 29.00 9.29 -39.55
CA LYS D 110 28.35 10.59 -39.52
C LYS D 110 26.87 10.50 -39.16
N LEU D 111 26.34 11.64 -38.74
CA LEU D 111 24.93 11.72 -38.39
C LEU D 111 24.24 12.72 -39.33
N LEU D 112 23.27 12.23 -40.10
CA LEU D 112 22.55 13.07 -41.05
CA LEU D 112 22.54 13.06 -41.07
C LEU D 112 21.38 13.72 -40.34
N PHE D 113 21.67 14.77 -39.59
CA PHE D 113 20.59 15.47 -38.90
C PHE D 113 19.64 16.00 -39.95
N ALA D 114 20.20 16.51 -41.03
CA ALA D 114 19.40 16.99 -42.17
C ALA D 114 20.25 16.86 -43.43
N PRO D 115 19.63 16.90 -44.65
CA PRO D 115 20.48 16.76 -45.84
C PRO D 115 21.55 17.84 -45.91
N ASN D 116 21.35 18.99 -45.26
CA ASN D 116 22.31 20.06 -45.21
C ASN D 116 22.97 20.20 -43.84
N LEU D 117 22.97 19.12 -43.06
CA LEU D 117 23.58 19.19 -41.74
C LEU D 117 24.07 17.80 -41.37
N LEU D 118 25.21 17.42 -41.94
N LEU D 118 25.17 17.43 -42.02
CA LEU D 118 25.80 16.08 -41.76
CA LEU D 118 25.88 16.19 -41.79
C LEU D 118 27.09 16.15 -40.96
C LEU D 118 26.98 16.48 -40.80
N LEU D 119 27.00 15.75 -39.69
CA LEU D 119 28.02 16.00 -38.68
C LEU D 119 28.79 14.72 -38.36
N ASP D 120 30.11 14.83 -38.25
CA ASP D 120 30.85 13.70 -37.70
C ASP D 120 31.04 13.85 -36.20
N ARG D 121 31.69 12.82 -35.67
CA ARG D 121 32.12 12.75 -34.30
C ARG D 121 32.68 14.06 -33.76
N ASN D 122 33.67 14.61 -34.44
CA ASN D 122 34.38 15.78 -33.95
C ASN D 122 33.51 17.01 -33.88
N GLN D 123 32.62 17.14 -34.86
CA GLN D 123 31.71 18.28 -34.88
C GLN D 123 30.77 18.23 -33.69
N GLY D 124 30.46 17.05 -33.18
CA GLY D 124 29.56 16.95 -32.05
C GLY D 124 30.20 17.31 -30.72
N LYS D 125 31.52 17.50 -30.72
CA LYS D 125 32.24 17.92 -29.54
C LYS D 125 31.87 19.36 -29.18
N GLU D 128 29.34 20.46 -25.01
CA GLU D 128 29.72 19.63 -23.88
C GLU D 128 28.70 18.52 -23.64
N GLY D 129 29.21 17.30 -23.50
CA GLY D 129 28.36 16.16 -23.21
C GLY D 129 27.64 15.58 -24.43
N MET D 130 27.73 16.22 -25.58
CA MET D 130 26.95 15.65 -26.65
C MET D 130 27.72 14.54 -27.36
N VAL D 131 29.05 14.61 -27.44
CA VAL D 131 29.79 13.57 -28.19
C VAL D 131 29.48 12.14 -27.67
N GLU D 132 29.19 12.03 -26.37
CA GLU D 132 28.69 10.80 -25.78
C GLU D 132 27.40 10.33 -26.45
N ILE D 133 26.45 11.25 -26.60
CA ILE D 133 25.20 10.99 -27.32
CA ILE D 133 25.22 10.91 -27.29
C ILE D 133 25.50 10.63 -28.78
N PHE D 134 26.37 11.43 -29.40
CA PHE D 134 26.71 11.26 -30.82
C PHE D 134 27.23 9.83 -31.03
N ASP D 135 28.11 9.38 -30.14
CA ASP D 135 28.71 8.07 -30.30
C ASP D 135 27.69 6.94 -30.21
N MET D 136 26.74 7.07 -29.29
CA MET D 136 25.68 6.09 -29.14
C MET D 136 24.82 6.05 -30.39
N LEU D 137 24.44 7.20 -30.93
CA LEU D 137 23.65 7.22 -32.17
C LEU D 137 24.41 6.59 -33.35
N LEU D 138 25.70 6.91 -33.47
CA LEU D 138 26.54 6.31 -34.49
C LEU D 138 26.59 4.76 -34.37
N ALA D 139 26.66 4.26 -33.14
CA ALA D 139 26.74 2.83 -32.94
C ALA D 139 25.43 2.17 -33.35
N THR D 140 24.33 2.88 -33.16
CA THR D 140 23.04 2.33 -33.51
C THR D 140 22.93 2.25 -35.02
N SER D 141 23.38 3.31 -35.69
CA SER D 141 23.39 3.35 -37.15
C SER D 141 24.21 2.18 -37.70
N SER D 142 25.38 2.00 -37.12
CA SER D 142 26.25 0.84 -37.37
C SER D 142 25.49 -0.49 -37.24
N ARG D 143 24.71 -0.61 -36.17
CA ARG D 143 24.04 -1.89 -35.86
C ARG D 143 22.95 -2.11 -36.90
N PHE D 144 22.21 -1.06 -37.24
CA PHE D 144 21.25 -1.11 -38.32
C PHE D 144 21.92 -1.53 -39.66
N ARG D 145 23.12 -0.99 -39.92
CA ARG D 145 23.90 -1.36 -41.13
C ARG D 145 24.22 -2.84 -41.13
N MET D 146 24.72 -3.32 -40.01
CA MET D 146 25.05 -4.74 -39.81
C MET D 146 23.82 -5.65 -40.02
N MET D 147 22.67 -5.21 -39.56
CA MET D 147 21.45 -6.00 -39.70
C MET D 147 20.84 -5.87 -41.07
N ASN D 148 21.35 -4.94 -41.87
CA ASN D 148 20.70 -4.52 -43.11
C ASN D 148 19.21 -4.21 -42.91
N LEU D 149 18.92 -3.39 -41.91
CA LEU D 149 17.54 -3.01 -41.64
C LEU D 149 16.82 -2.50 -42.88
N GLN D 150 15.60 -3.00 -43.10
CA GLN D 150 14.81 -2.58 -44.24
C GLN D 150 13.87 -1.43 -43.88
N GLY D 151 13.48 -0.66 -44.89
CA GLY D 151 12.50 0.40 -44.71
C GLY D 151 11.22 -0.08 -44.04
N GLU D 152 10.70 -1.23 -44.47
CA GLU D 152 9.43 -1.71 -43.92
C GLU D 152 9.56 -2.08 -42.44
N GLU D 153 10.73 -2.61 -42.08
CA GLU D 153 11.05 -2.92 -40.68
C GLU D 153 11.18 -1.65 -39.85
N PHE D 154 11.87 -0.65 -40.38
CA PHE D 154 12.05 0.63 -39.69
C PHE D 154 10.71 1.25 -39.28
N VAL D 155 9.75 1.30 -40.23
CA VAL D 155 8.50 1.97 -39.86
C VAL D 155 7.76 1.15 -38.79
N CYS D 156 7.84 -0.18 -38.84
CA CYS D 156 7.24 -1.01 -37.78
C CYS D 156 7.88 -0.66 -36.44
N LEU D 157 9.21 -0.58 -36.42
CA LEU D 157 9.93 -0.33 -35.16
C LEU D 157 9.55 1.02 -34.58
N LYS D 158 9.52 2.05 -35.42
CA LYS D 158 9.20 3.39 -34.97
C LYS D 158 7.78 3.47 -34.37
N SER D 159 6.85 2.74 -34.97
CA SER D 159 5.50 2.65 -34.45
C SER D 159 5.43 1.90 -33.14
N ILE D 160 6.21 0.82 -33.02
CA ILE D 160 6.31 0.15 -31.74
C ILE D 160 6.79 1.10 -30.66
N ILE D 161 7.82 1.90 -30.94
CA ILE D 161 8.27 2.88 -29.91
C ILE D 161 7.13 3.76 -29.46
N LEU D 162 6.39 4.30 -30.45
CA LEU D 162 5.29 5.20 -30.14
C LEU D 162 4.28 4.53 -29.19
N LEU D 163 3.92 3.29 -29.48
CA LEU D 163 2.91 2.61 -28.66
C LEU D 163 3.42 2.07 -27.32
N ASN D 164 4.69 1.68 -27.27
CA ASN D 164 5.21 0.94 -26.13
C ASN D 164 5.85 1.82 -25.07
N SER D 165 6.47 2.95 -25.45
CA SER D 165 7.38 3.58 -24.50
C SER D 165 6.63 4.12 -23.32
N GLY D 166 5.42 4.64 -23.52
CA GLY D 166 4.64 5.11 -22.39
C GLY D 166 3.59 4.15 -21.79
N VAL D 167 3.49 2.92 -22.31
CA VAL D 167 2.35 2.08 -21.94
C VAL D 167 2.51 1.43 -20.55
N TYR D 168 3.66 1.55 -19.91
CA TYR D 168 3.82 1.00 -18.56
C TYR D 168 3.75 2.11 -17.52
N THR D 169 3.52 3.35 -17.95
CA THR D 169 3.57 4.49 -17.04
CA THR D 169 3.56 4.48 -17.01
C THR D 169 2.27 5.30 -17.02
N PHE D 170 1.15 4.66 -17.35
CA PHE D 170 -0.13 5.36 -17.24
C PHE D 170 -0.52 5.57 -15.76
N SER D 173 -5.71 3.37 -13.12
CA SER D 173 -6.22 2.07 -13.55
C SER D 173 -7.77 2.07 -13.58
N THR D 174 -8.31 3.15 -14.15
CA THR D 174 -9.73 3.24 -14.45
C THR D 174 -10.11 2.15 -15.43
N LEU D 175 -11.40 1.86 -15.55
CA LEU D 175 -11.85 0.89 -16.53
C LEU D 175 -11.40 1.30 -17.94
N LYS D 176 -11.48 2.60 -18.21
CA LYS D 176 -11.11 3.14 -19.50
C LYS D 176 -9.61 2.89 -19.69
N SER D 177 -8.82 3.04 -18.63
CA SER D 177 -7.39 2.91 -18.83
C SER D 177 -7.05 1.43 -19.06
N LEU D 178 -7.80 0.52 -18.43
CA LEU D 178 -7.63 -0.90 -18.72
C LEU D 178 -7.91 -1.16 -20.20
N GLU D 179 -8.95 -0.51 -20.73
CA GLU D 179 -9.34 -0.74 -22.10
C GLU D 179 -8.30 -0.15 -23.04
N GLU D 180 -7.75 1.01 -22.66
CA GLU D 180 -6.72 1.69 -23.45
C GLU D 180 -5.48 0.80 -23.55
N LYS D 181 -5.03 0.27 -22.41
CA LYS D 181 -3.80 -0.52 -22.41
C LYS D 181 -4.03 -1.80 -23.23
N ASP D 182 -5.22 -2.37 -23.11
CA ASP D 182 -5.48 -3.57 -23.87
C ASP D 182 -5.45 -3.29 -25.37
N HIS D 183 -6.03 -2.18 -25.80
CA HIS D 183 -6.04 -1.83 -27.20
C HIS D 183 -4.59 -1.60 -27.69
N ILE D 184 -3.77 -0.92 -26.88
CA ILE D 184 -2.38 -0.62 -27.27
C ILE D 184 -1.65 -1.93 -27.47
N HIS D 185 -1.82 -2.86 -26.53
CA HIS D 185 -1.12 -4.11 -26.70
C HIS D 185 -1.63 -4.94 -27.88
N ARG D 186 -2.91 -4.83 -28.22
CA ARG D 186 -3.41 -5.57 -29.38
C ARG D 186 -2.85 -4.94 -30.68
N VAL D 187 -2.70 -3.63 -30.69
CA VAL D 187 -2.11 -2.99 -31.86
C VAL D 187 -0.63 -3.40 -31.96
N LEU D 188 0.07 -3.40 -30.82
CA LEU D 188 1.49 -3.82 -30.80
C LEU D 188 1.58 -5.25 -31.33
N ASP D 189 0.62 -6.08 -30.94
CA ASP D 189 0.61 -7.46 -31.42
C ASP D 189 0.46 -7.54 -32.94
N LYS D 190 -0.39 -6.69 -33.51
CA LYS D 190 -0.54 -6.70 -34.96
C LYS D 190 0.77 -6.24 -35.63
N ILE D 191 1.52 -5.33 -34.99
CA ILE D 191 2.77 -4.89 -35.61
C ILE D 191 3.78 -6.01 -35.50
N THR D 192 3.75 -6.76 -34.41
CA THR D 192 4.61 -7.95 -34.31
C THR D 192 4.26 -8.90 -35.43
N ASP D 193 2.97 -9.20 -35.64
CA ASP D 193 2.57 -10.09 -36.76
C ASP D 193 3.11 -9.59 -38.08
N THR D 194 3.09 -8.28 -38.24
CA THR D 194 3.48 -7.64 -39.48
C THR D 194 5.01 -7.81 -39.72
N LEU D 195 5.80 -7.61 -38.66
CA LEU D 195 7.26 -7.78 -38.76
C LEU D 195 7.61 -9.20 -39.21
N ILE D 196 6.95 -10.16 -38.57
CA ILE D 196 7.22 -11.57 -38.81
C ILE D 196 6.87 -11.89 -40.26
N HIS D 197 5.76 -11.32 -40.72
CA HIS D 197 5.32 -11.52 -42.09
C HIS D 197 6.29 -10.94 -43.12
N LEU D 198 6.80 -9.74 -42.87
CA LEU D 198 7.85 -9.16 -43.69
C LEU D 198 9.07 -10.07 -43.77
N MET D 199 9.47 -10.65 -42.63
CA MET D 199 10.62 -11.53 -42.58
C MET D 199 10.34 -12.84 -43.30
N ALA D 200 9.11 -13.35 -43.15
CA ALA D 200 8.70 -14.54 -43.88
C ALA D 200 8.74 -14.30 -45.39
N LYS D 201 8.24 -13.14 -45.85
CA LYS D 201 8.24 -12.87 -47.29
C LYS D 201 9.64 -12.61 -47.81
N ALA D 202 10.58 -12.29 -46.91
CA ALA D 202 11.95 -12.04 -47.35
C ALA D 202 12.76 -13.34 -47.39
N GLY D 203 12.14 -14.46 -47.00
CA GLY D 203 12.76 -15.77 -47.18
C GLY D 203 13.46 -16.36 -45.96
N LEU D 204 13.26 -15.73 -44.81
CA LEU D 204 13.94 -16.20 -43.60
C LEU D 204 13.23 -17.42 -43.05
N THR D 205 14.02 -18.35 -42.52
CA THR D 205 13.43 -19.49 -41.84
C THR D 205 12.68 -19.00 -40.60
N LEU D 206 11.76 -19.82 -40.12
CA LEU D 206 11.04 -19.53 -38.89
C LEU D 206 12.03 -19.20 -37.75
N GLN D 207 13.09 -19.99 -37.63
CA GLN D 207 14.11 -19.71 -36.59
C GLN D 207 14.75 -18.34 -36.78
N GLN D 208 15.08 -18.02 -38.02
CA GLN D 208 15.67 -16.73 -38.37
C GLN D 208 14.70 -15.62 -38.14
N GLN D 209 13.41 -15.89 -38.34
CA GLN D 209 12.40 -14.87 -38.13
C GLN D 209 12.34 -14.44 -36.68
N HIS D 210 12.28 -15.41 -35.78
CA HIS D 210 12.21 -15.09 -34.36
C HIS D 210 13.50 -14.43 -33.89
N GLN D 211 14.63 -14.88 -34.43
CA GLN D 211 15.90 -14.30 -33.99
C GLN D 211 15.99 -12.84 -34.41
N ARG D 212 15.54 -12.54 -35.63
CA ARG D 212 15.63 -11.17 -36.13
C ARG D 212 14.63 -10.26 -35.43
N LEU D 213 13.43 -10.77 -35.17
CA LEU D 213 12.48 -10.04 -34.37
C LEU D 213 13.13 -9.64 -33.04
N ALA D 214 13.76 -10.59 -32.38
CA ALA D 214 14.33 -10.29 -31.06
C ALA D 214 15.46 -9.26 -31.21
N GLN D 215 16.31 -9.44 -32.21
CA GLN D 215 17.47 -8.54 -32.41
C GLN D 215 16.94 -7.11 -32.59
N LEU D 216 15.93 -6.97 -33.42
CA LEU D 216 15.33 -5.63 -33.66
C LEU D 216 14.72 -5.01 -32.38
N LEU D 217 13.93 -5.78 -31.67
CA LEU D 217 13.31 -5.22 -30.47
C LEU D 217 14.32 -4.87 -29.38
N LEU D 218 15.42 -5.63 -29.30
CA LEU D 218 16.40 -5.38 -28.26
C LEU D 218 17.16 -4.09 -28.55
N ILE D 219 17.23 -3.68 -29.82
CA ILE D 219 17.82 -2.36 -30.13
C ILE D 219 16.99 -1.25 -29.49
N LEU D 220 15.69 -1.49 -29.34
CA LEU D 220 14.82 -0.46 -28.78
C LEU D 220 15.21 -0.12 -27.33
N SER D 221 15.78 -1.06 -26.57
CA SER D 221 16.28 -0.77 -25.22
CA SER D 221 16.25 -0.71 -25.23
C SER D 221 17.41 0.26 -25.27
N HIS D 222 18.29 0.13 -26.26
CA HIS D 222 19.40 1.04 -26.42
C HIS D 222 18.86 2.40 -26.85
N ILE D 223 17.81 2.40 -27.67
CA ILE D 223 17.27 3.72 -28.10
C ILE D 223 16.63 4.41 -26.88
N ARG D 224 15.96 3.65 -26.01
CA ARG D 224 15.46 4.19 -24.76
C ARG D 224 16.60 4.80 -23.95
N HIS D 225 17.67 4.03 -23.80
CA HIS D 225 18.82 4.52 -23.07
C HIS D 225 19.30 5.86 -23.62
N MET D 226 19.45 5.93 -24.95
CA MET D 226 19.90 7.18 -25.59
C MET D 226 18.95 8.34 -25.33
N SER D 227 17.66 8.07 -25.41
CA SER D 227 16.68 9.12 -25.09
C SER D 227 16.86 9.63 -23.64
N ASN D 228 17.05 8.72 -22.69
CA ASN D 228 17.20 9.15 -21.30
C ASN D 228 18.44 10.03 -21.15
N LYS D 229 19.53 9.64 -21.80
CA LYS D 229 20.76 10.42 -21.71
C LYS D 229 20.57 11.81 -22.35
N GLY D 230 19.91 11.83 -23.50
CA GLY D 230 19.60 13.08 -24.17
C GLY D 230 18.70 13.97 -23.33
N MET D 231 17.71 13.38 -22.68
CA MET D 231 16.78 14.12 -21.85
C MET D 231 17.52 14.75 -20.67
N GLU D 232 18.48 14.02 -20.13
CA GLU D 232 19.29 14.53 -19.02
C GLU D 232 20.03 15.79 -19.49
N HIS D 233 20.45 15.79 -20.75
CA HIS D 233 21.10 16.95 -21.39
C HIS D 233 20.13 18.12 -21.54
N LEU D 234 18.95 17.88 -22.08
CA LEU D 234 17.99 18.96 -22.30
C LEU D 234 17.37 19.50 -21.00
N TYR D 235 17.15 18.63 -20.02
CA TYR D 235 16.64 19.06 -18.72
C TYR D 235 17.68 19.87 -18.01
N SER D 236 18.93 19.63 -18.29
CA SER D 236 19.91 20.37 -17.58
C SER D 236 19.94 21.84 -18.03
N MET D 237 19.68 22.09 -19.32
CA MET D 237 19.71 23.47 -19.80
C MET D 237 18.40 24.21 -19.52
N PRO D 244 6.06 23.55 -20.65
CA PRO D 244 5.47 22.23 -20.32
C PRO D 244 5.05 21.43 -21.55
N LEU D 245 5.82 20.39 -21.88
CA LEU D 245 5.68 19.71 -23.18
C LEU D 245 4.31 19.13 -23.38
N SER D 246 3.69 18.64 -22.31
CA SER D 246 2.39 17.99 -22.47
C SER D 246 1.35 19.01 -22.92
N ASP D 247 1.54 20.27 -22.55
CA ASP D 247 0.63 21.32 -23.01
C ASP D 247 0.79 21.55 -24.51
N LEU D 248 2.04 21.56 -24.97
CA LEU D 248 2.25 21.75 -26.40
C LEU D 248 1.71 20.55 -27.17
N LEU D 249 1.95 19.34 -26.66
CA LEU D 249 1.50 18.14 -27.34
C LEU D 249 -0.03 18.11 -27.45
N LEU D 250 -0.68 18.46 -26.34
CA LEU D 250 -2.15 18.57 -26.29
C LEU D 250 -2.65 19.58 -27.33
N GLU D 251 -2.08 20.78 -27.35
CA GLU D 251 -2.48 21.77 -28.36
C GLU D 251 -2.37 21.19 -29.78
N MET D 252 -1.27 20.49 -30.07
CA MET D 252 -1.05 19.98 -31.41
C MET D 252 -1.94 18.77 -31.72
N LEU D 253 -2.17 17.94 -30.70
CA LEU D 253 -3.01 16.76 -30.89
C LEU D 253 -4.50 17.11 -30.92
N ASP D 254 -4.91 18.15 -30.18
CA ASP D 254 -6.36 18.50 -29.92
C ASP D 254 -6.95 19.57 -30.88
CBF RL4 E . -10.93 -17.12 33.00
CBE RL4 E . -10.02 -16.35 33.93
CBD RL4 E . -8.75 -16.20 33.19
CBC RL4 E . -7.81 -17.04 33.89
CBB RL4 E . -8.39 -17.18 35.27
NAU RL4 E . -9.81 -17.09 35.10
CAT RL4 E . -10.29 -16.43 36.25
CAS RL4 E . -11.83 -16.34 36.38
OAR RL4 E . -12.33 -15.38 35.50
CAO RL4 E . -13.75 -15.12 35.55
CAP RL4 E . -14.41 -14.53 34.35
CAQ RL4 E . -15.73 -14.30 34.25
CAN RL4 E . -14.53 -15.44 36.59
CAM RL4 E . -16.01 -15.13 36.53
CAL RL4 E . -16.59 -14.59 35.44
CAJ RL4 E . -18.05 -14.33 35.27
CAF RL4 E . -18.41 -14.93 33.96
CAA RL4 E . -18.43 -16.40 33.88
CAB RL4 E . -18.68 -17.00 32.69
CAC RL4 E . -19.03 -16.33 31.53
OAV RL4 E . -19.42 -16.90 30.37
CAD RL4 E . -19.29 -14.96 31.71
CAE RL4 E . -18.79 -14.26 32.90
CAG RL4 E . -18.97 -12.76 32.89
CAH RL4 E . -18.35 -12.08 34.07
CAI RL4 E . -18.42 -12.87 35.35
CAK RL4 E . -17.68 -12.13 36.45
CAW RL4 E . -16.54 -11.45 36.19
CAX RL4 E . -15.90 -10.80 37.22
CAY RL4 E . -16.41 -10.79 38.49
CAZ RL4 E . -17.56 -11.47 38.75
CBA RL4 E . -18.18 -12.12 37.72
CBF RL4 F . -11.28 16.94 37.40
CBE RL4 F . -11.49 15.95 38.53
CBD RL4 F . -12.87 15.75 38.96
CBC RL4 F . -12.85 16.07 40.36
CBB RL4 F . -11.41 16.15 40.80
NAU RL4 F . -10.60 16.23 39.62
CAT RL4 F . -9.48 15.32 39.70
CAS RL4 F . -9.06 14.59 38.32
OAR RL4 F . -7.87 14.89 38.08
CAO RL4 F . -7.24 14.63 36.92
CAP RL4 F . -7.84 14.33 35.60
CAQ RL4 F . -7.02 14.19 34.54
CAN RL4 F . -5.98 14.77 37.11
CAM RL4 F . -5.08 14.56 35.97
CAL RL4 F . -5.54 14.30 34.76
CAJ RL4 F . -4.63 14.18 33.63
CAF RL4 F . -5.14 15.11 32.63
CAA RL4 F . -5.12 16.54 32.98
CAB RL4 F . -5.61 17.41 32.09
CAC RL4 F . -6.18 17.06 30.87
OAV RL4 F . -6.55 17.88 29.87
CAD RL4 F . -6.03 15.73 30.49
CAE RL4 F . -5.64 14.77 31.47
CAG RL4 F . -5.63 13.31 31.03
CAH RL4 F . -5.62 12.36 32.17
CAI RL4 F . -4.53 12.76 33.14
CAK RL4 F . -4.38 11.78 34.25
CAW RL4 F . -5.44 11.16 34.82
CAX RL4 F . -5.19 10.26 35.82
CAY RL4 F . -3.91 9.97 36.22
CAZ RL4 F . -2.87 10.61 35.63
CBA RL4 F . -3.11 11.48 34.62
CBF RL4 G . 25.05 -1.68 -5.86
CBE RL4 G . 25.56 -0.27 -6.11
CBD RL4 G . 26.73 -0.44 -6.99
CBC RL4 G . 27.90 -0.08 -6.22
CBB RL4 G . 27.33 0.78 -5.11
NAU RL4 G . 25.99 0.33 -4.91
CAT RL4 G . 25.23 1.45 -4.58
CAS RL4 G . 23.75 1.17 -4.19
OAR RL4 G . 22.98 0.91 -5.31
CAO RL4 G . 21.58 0.67 -5.06
CAP RL4 G . 20.84 -0.19 -6.04
CAQ RL4 G . 19.54 -0.53 -5.93
CAN RL4 G . 20.88 1.15 -4.05
CAM RL4 G . 19.37 0.83 -3.94
CAL RL4 G . 18.74 0.04 -4.81
CAJ RL4 G . 17.32 -0.36 -4.71
CAF RL4 G . 17.27 -1.84 -4.88
CAA RL4 G . 17.78 -2.66 -3.75
CAB RL4 G . 17.94 -3.99 -3.97
CAC RL4 G . 17.42 -4.69 -5.05
OAV RL4 G . 17.34 -6.03 -5.08
CAD RL4 G . 16.61 -3.94 -5.92
CAE RL4 G . 16.74 -2.47 -5.89
CAG RL4 G . 15.97 -1.73 -7.00
CAH RL4 G . 16.35 -0.29 -7.07
CAI RL4 G . 16.45 0.35 -5.70
CAK RL4 G . 16.80 1.81 -5.83
CAW RL4 G . 17.60 2.26 -6.81
CAX RL4 G . 17.87 3.62 -6.86
CAY RL4 G . 17.31 4.50 -6.00
CAZ RL4 G . 16.51 4.02 -5.02
CBA RL4 G . 16.25 2.70 -4.96
CBF RL4 H . 11.77 19.15 -29.43
CBE RL4 H . 11.94 19.50 -27.97
CBD RL4 H . 10.61 19.31 -27.36
CBC RL4 H . 10.16 20.63 -26.95
CBB RL4 H . 11.42 21.47 -26.95
NAU RL4 H . 12.33 20.82 -27.85
CAT RL4 H . 13.61 20.94 -27.30
CAS RL4 H . 14.72 20.49 -28.28
OAR RL4 H . 14.89 19.11 -28.25
CAO RL4 H . 15.96 18.56 -29.01
CAP RL4 H . 15.81 17.15 -29.49
CAQ RL4 H . 16.72 16.50 -30.25
CAN RL4 H . 17.09 19.21 -29.31
CAM RL4 H . 18.15 18.43 -30.13
CAL RL4 H . 17.99 17.18 -30.57
CAJ RL4 H . 18.96 16.43 -31.40
CAF RL4 H . 18.24 15.90 -32.58
CAA RL4 H . 17.70 16.86 -33.58
CAB RL4 H . 16.93 16.39 -34.60
CAC RL4 H . 16.64 15.05 -34.87
OAV RL4 H . 15.97 14.61 -35.97
CAD RL4 H . 17.35 14.14 -34.04
CAE RL4 H . 18.01 14.62 -32.80
CAG RL4 H . 18.55 13.55 -31.86
CAH RL4 H . 18.90 14.07 -30.50
CAI RL4 H . 19.66 15.37 -30.61
CAK RL4 H . 20.14 15.83 -29.25
CAW RL4 H . 19.35 15.66 -28.17
CAX RL4 H . 19.82 16.08 -26.94
CAY RL4 H . 21.06 16.61 -26.77
CAZ RL4 H . 21.83 16.76 -27.88
CBA RL4 H . 21.39 16.35 -29.10
#